data_3TQU
#
_entry.id   3TQU
#
_cell.length_a   51.528
_cell.length_b   86.737
_cell.length_c   105.794
_cell.angle_alpha   90.000
_cell.angle_beta   92.490
_cell.angle_gamma   90.000
#
_symmetry.space_group_name_H-M   'P 1 21 1'
#
loop_
_entity.id
_entity.type
_entity.pdbx_description
1 polymer 'Non-canonical purine NTP pyrophosphatase'
2 non-polymer 'CALCIUM ION'
3 non-polymer 1,2-ETHANEDIOL
4 water water
#
_entity_poly.entity_id   1
_entity_poly.type   'polypeptide(L)'
_entity_poly.pdbx_seq_one_letter_code
;SNA(MSE)LEIVLASQNSSKLAE(MSE)QELLRDLEIKFIPQTEFSVPDIEETGSTFVENAIIKARHAAKQTGLPALADD
SGLTIAALNSAPGVFSSRYAGKNATDAERIQKVLEALEAADDSDRSASFHCVIAL(MSE)ENENDPAPLICHGVWEGEIA
REPRGKNGFGYDPIFYVPSHQRTAAELDPQEKNAISHRGQALEQLSTVLTEAFLV
;
_entity_poly.pdbx_strand_id   A,B,C,D
#
loop_
_chem_comp.id
_chem_comp.type
_chem_comp.name
_chem_comp.formula
CA non-polymer 'CALCIUM ION' 'Ca 2'
EDO non-polymer 1,2-ETHANEDIOL 'C2 H6 O2'
#
# COMPACT_ATOMS: atom_id res chain seq x y z
N MSE A 4 -1.61 -11.64 10.27
CA MSE A 4 -2.02 -12.88 9.61
C MSE A 4 -3.44 -12.76 9.08
O MSE A 4 -4.39 -12.55 9.84
CB MSE A 4 -1.92 -14.06 10.59
CG MSE A 4 -2.42 -15.40 10.04
SE MSE A 4 -1.06 -16.50 9.17
CE MSE A 4 0.36 -16.32 10.50
N LEU A 5 -3.58 -12.85 7.76
CA LEU A 5 -4.90 -12.84 7.12
C LEU A 5 -5.67 -14.10 7.50
N GLU A 6 -6.89 -13.91 8.01
CA GLU A 6 -7.74 -15.03 8.38
C GLU A 6 -8.89 -15.22 7.40
N ILE A 7 -8.98 -16.40 6.81
CA ILE A 7 -10.08 -16.72 5.89
C ILE A 7 -10.81 -17.98 6.35
N VAL A 8 -12.13 -17.89 6.41
CA VAL A 8 -12.94 -19.03 6.82
C VAL A 8 -13.18 -19.99 5.67
N LEU A 9 -12.98 -21.28 5.91
CA LEU A 9 -13.26 -22.31 4.94
C LEU A 9 -14.62 -22.93 5.25
N ALA A 10 -15.55 -22.86 4.30
CA ALA A 10 -16.90 -23.35 4.52
C ALA A 10 -16.96 -24.87 4.64
N SER A 11 -16.00 -25.55 4.04
CA SER A 11 -16.01 -27.02 4.00
C SER A 11 -15.65 -27.70 5.32
N GLN A 12 -16.26 -28.84 5.57
CA GLN A 12 -15.92 -29.68 6.71
C GLN A 12 -14.97 -30.78 6.27
N ASN A 13 -14.55 -30.71 5.00
CA ASN A 13 -13.73 -31.75 4.41
C ASN A 13 -12.26 -31.57 4.77
N SER A 14 -11.72 -32.53 5.53
CA SER A 14 -10.36 -32.44 6.04
C SER A 14 -9.29 -32.45 4.95
N SER A 15 -9.53 -33.18 3.87
CA SER A 15 -8.57 -33.23 2.78
C SER A 15 -8.54 -31.88 2.05
N LYS A 16 -9.68 -31.21 1.97
CA LYS A 16 -9.73 -29.90 1.33
C LYS A 16 -8.93 -28.86 2.11
N LEU A 17 -9.04 -28.90 3.44
CA LEU A 17 -8.26 -28.01 4.29
C LEU A 17 -6.77 -28.28 4.16
N ALA A 18 -6.40 -29.55 4.19
CA ALA A 18 -5.00 -29.94 4.07
C ALA A 18 -4.41 -29.54 2.72
N GLU A 19 -5.16 -29.76 1.66
CA GLU A 19 -4.70 -29.39 0.32
C GLU A 19 -4.43 -27.88 0.24
N MSE A 20 -5.28 -27.12 0.91
CA MSE A 20 -5.21 -25.66 0.90
C MSE A 20 -4.00 -25.18 1.69
O MSE A 20 -3.26 -24.30 1.25
CB MSE A 20 -6.50 -25.07 1.51
CG MSE A 20 -6.60 -23.55 1.54
SE MSE A 20 -7.19 -22.84 -0.18
CE MSE A 20 -8.43 -24.26 -0.63
N GLN A 21 -3.79 -25.75 2.87
CA GLN A 21 -2.66 -25.38 3.70
C GLN A 21 -1.35 -25.66 2.98
N GLU A 22 -1.31 -26.79 2.28
CA GLU A 22 -0.14 -27.15 1.47
C GLU A 22 0.05 -26.14 0.34
N LEU A 23 -1.06 -25.75 -0.28
CA LEU A 23 -1.04 -24.83 -1.42
C LEU A 23 -0.48 -23.47 -1.05
N LEU A 24 -0.88 -22.95 0.11
CA LEU A 24 -0.53 -21.58 0.51
C LEU A 24 0.48 -21.53 1.64
N ARG A 25 1.31 -22.56 1.75
CA ARG A 25 2.24 -22.70 2.87
C ARG A 25 3.23 -21.54 3.00
N ASP A 26 3.48 -20.85 1.90
CA ASP A 26 4.47 -19.77 1.91
C ASP A 26 3.84 -18.38 2.03
N LEU A 27 2.51 -18.34 2.15
CA LEU A 27 1.79 -17.09 2.30
C LEU A 27 1.32 -16.91 3.74
N GLU A 28 1.20 -15.66 4.19
CA GLU A 28 0.74 -15.39 5.54
C GLU A 28 -0.79 -15.39 5.61
N ILE A 29 -1.37 -16.57 5.41
CA ILE A 29 -2.82 -16.74 5.48
C ILE A 29 -3.18 -17.96 6.31
N LYS A 30 -4.20 -17.83 7.15
CA LYS A 30 -4.65 -18.93 7.98
C LYS A 30 -6.11 -19.25 7.68
N PHE A 31 -6.36 -20.47 7.21
CA PHE A 31 -7.72 -20.90 6.95
C PHE A 31 -8.34 -21.56 8.19
N ILE A 32 -9.57 -21.15 8.50
CA ILE A 32 -10.28 -21.67 9.65
C ILE A 32 -11.60 -22.27 9.21
N PRO A 33 -11.78 -23.59 9.45
CA PRO A 33 -13.04 -24.24 9.09
C PRO A 33 -14.22 -23.55 9.77
N GLN A 34 -15.33 -23.41 9.07
CA GLN A 34 -16.49 -22.71 9.63
C GLN A 34 -16.97 -23.38 10.90
N THR A 35 -16.67 -24.67 11.05
CA THR A 35 -17.06 -25.39 12.26
C THR A 35 -16.43 -24.82 13.52
N GLU A 36 -15.33 -24.08 13.36
CA GLU A 36 -14.65 -23.48 14.51
C GLU A 36 -15.38 -22.24 15.01
N PHE A 37 -16.40 -21.83 14.25
CA PHE A 37 -17.27 -20.72 14.62
C PHE A 37 -18.67 -21.25 14.87
N SER A 38 -18.80 -22.57 14.87
CA SER A 38 -20.09 -23.24 15.03
C SER A 38 -21.10 -22.81 13.96
N VAL A 39 -20.62 -22.64 12.74
CA VAL A 39 -21.49 -22.33 11.62
C VAL A 39 -22.08 -23.62 11.04
N PRO A 40 -23.40 -23.70 10.94
CA PRO A 40 -24.04 -24.89 10.37
C PRO A 40 -23.93 -24.90 8.84
N ASP A 41 -24.03 -26.08 8.25
CA ASP A 41 -24.07 -26.19 6.80
C ASP A 41 -25.33 -25.49 6.28
N ILE A 42 -25.23 -24.90 5.09
CA ILE A 42 -26.38 -24.30 4.43
C ILE A 42 -26.69 -25.12 3.17
N GLU A 43 -27.96 -25.21 2.82
CA GLU A 43 -28.39 -26.03 1.70
C GLU A 43 -27.94 -25.47 0.35
N GLU A 44 -27.39 -26.35 -0.49
CA GLU A 44 -27.02 -25.97 -1.85
C GLU A 44 -28.23 -26.04 -2.76
N THR A 45 -28.72 -24.88 -3.18
CA THR A 45 -29.96 -24.81 -3.96
C THR A 45 -29.75 -24.28 -5.37
N GLY A 46 -28.49 -24.02 -5.73
CA GLY A 46 -28.19 -23.48 -7.04
C GLY A 46 -28.15 -24.53 -8.14
N SER A 47 -28.30 -24.09 -9.38
CA SER A 47 -28.25 -25.00 -10.52
C SER A 47 -26.89 -24.99 -11.21
N THR A 48 -25.99 -24.14 -10.72
CA THR A 48 -24.61 -24.13 -11.19
C THR A 48 -23.66 -24.26 -10.00
N PHE A 49 -22.47 -24.79 -10.25
CA PHE A 49 -21.45 -24.90 -9.20
C PHE A 49 -21.16 -23.53 -8.62
N VAL A 50 -21.03 -22.52 -9.48
CA VAL A 50 -20.68 -21.19 -9.02
C VAL A 50 -21.72 -20.63 -8.06
N GLU A 51 -23.00 -20.87 -8.34
CA GLU A 51 -24.06 -20.43 -7.44
C GLU A 51 -23.97 -21.07 -6.06
N ASN A 52 -23.65 -22.36 -6.02
CA ASN A 52 -23.52 -23.05 -4.74
C ASN A 52 -22.28 -22.60 -3.98
N ALA A 53 -21.19 -22.39 -4.71
CA ALA A 53 -19.96 -21.90 -4.12
C ALA A 53 -20.19 -20.56 -3.44
N ILE A 54 -20.93 -19.68 -4.12
CA ILE A 54 -21.24 -18.37 -3.54
C ILE A 54 -22.17 -18.49 -2.34
N ILE A 55 -23.21 -19.32 -2.48
CA ILE A 55 -24.17 -19.53 -1.40
C ILE A 55 -23.46 -19.92 -0.11
N LYS A 56 -22.48 -20.81 -0.23
CA LYS A 56 -21.81 -21.35 0.95
C LYS A 56 -20.78 -20.39 1.51
N ALA A 57 -20.07 -19.67 0.64
CA ALA A 57 -19.10 -18.68 1.07
C ALA A 57 -19.78 -17.48 1.73
N ARG A 58 -20.87 -17.01 1.12
CA ARG A 58 -21.59 -15.87 1.67
C ARG A 58 -22.14 -16.19 3.06
N HIS A 59 -22.63 -17.43 3.21
CA HIS A 59 -23.17 -17.88 4.48
C HIS A 59 -22.09 -17.84 5.56
N ALA A 60 -20.95 -18.45 5.26
CA ALA A 60 -19.84 -18.50 6.21
C ALA A 60 -19.37 -17.10 6.60
N ALA A 61 -19.28 -16.21 5.61
CA ALA A 61 -18.83 -14.84 5.85
C ALA A 61 -19.84 -14.08 6.71
N LYS A 62 -21.12 -14.30 6.44
CA LYS A 62 -22.18 -13.64 7.18
C LYS A 62 -22.12 -13.99 8.65
N GLN A 63 -21.96 -15.27 8.96
CA GLN A 63 -21.98 -15.73 10.34
C GLN A 63 -20.71 -15.41 11.11
N THR A 64 -19.57 -15.43 10.42
CA THR A 64 -18.29 -15.26 11.09
C THR A 64 -17.77 -13.82 11.11
N GLY A 65 -18.16 -13.03 10.12
CA GLY A 65 -17.67 -11.67 10.00
C GLY A 65 -16.30 -11.61 9.34
N LEU A 66 -15.81 -12.76 8.89
CA LEU A 66 -14.52 -12.84 8.21
C LEU A 66 -14.71 -13.11 6.73
N PRO A 67 -13.67 -12.90 5.91
CA PRO A 67 -13.70 -13.36 4.52
C PRO A 67 -13.93 -14.87 4.52
N ALA A 68 -14.59 -15.40 3.49
CA ALA A 68 -14.89 -16.81 3.47
C ALA A 68 -14.69 -17.40 2.08
N LEU A 69 -14.23 -18.65 2.04
CA LEU A 69 -13.96 -19.32 0.78
C LEU A 69 -14.72 -20.64 0.73
N ALA A 70 -15.40 -20.88 -0.38
CA ALA A 70 -16.13 -22.13 -0.56
C ALA A 70 -15.95 -22.64 -1.98
N ASP A 71 -16.22 -23.92 -2.19
CA ASP A 71 -16.18 -24.47 -3.53
C ASP A 71 -17.37 -25.38 -3.77
N ASP A 72 -17.71 -25.57 -5.04
CA ASP A 72 -18.62 -26.64 -5.42
C ASP A 72 -18.04 -27.36 -6.61
N SER A 73 -18.28 -28.66 -6.69
CA SER A 73 -17.67 -29.47 -7.74
C SER A 73 -18.61 -30.54 -8.24
N GLY A 74 -18.30 -31.11 -9.39
CA GLY A 74 -19.13 -32.17 -9.93
C GLY A 74 -18.62 -32.72 -11.25
N LEU A 75 -19.30 -33.75 -11.72
CA LEU A 75 -19.00 -34.40 -12.98
C LEU A 75 -20.08 -34.01 -13.98
N THR A 76 -19.68 -33.59 -15.17
CA THR A 76 -20.64 -33.29 -16.23
C THR A 76 -20.39 -34.20 -17.42
N ILE A 77 -21.45 -34.81 -17.91
CA ILE A 77 -21.32 -35.76 -19.03
C ILE A 77 -22.08 -35.27 -20.25
N ALA A 78 -21.34 -35.09 -21.34
CA ALA A 78 -21.90 -34.51 -22.57
C ALA A 78 -23.17 -35.21 -23.03
N ALA A 79 -23.13 -36.54 -23.12
CA ALA A 79 -24.26 -37.30 -23.60
C ALA A 79 -25.47 -37.22 -22.67
N LEU A 80 -25.23 -36.79 -21.44
CA LEU A 80 -26.32 -36.66 -20.46
C LEU A 80 -26.67 -35.22 -20.17
N ASN A 81 -26.44 -34.34 -21.15
CA ASN A 81 -26.77 -32.92 -21.01
C ASN A 81 -26.15 -32.32 -19.75
N SER A 82 -24.91 -32.72 -19.48
CA SER A 82 -24.12 -32.20 -18.35
C SER A 82 -24.48 -32.78 -16.98
N ALA A 83 -25.43 -33.69 -16.94
CA ALA A 83 -25.70 -34.44 -15.72
C ALA A 83 -24.48 -35.30 -15.41
N PRO A 84 -24.28 -35.66 -14.12
CA PRO A 84 -25.13 -35.33 -12.98
C PRO A 84 -25.00 -33.88 -12.52
N GLY A 85 -23.94 -33.20 -12.95
CA GLY A 85 -23.74 -31.79 -12.62
C GLY A 85 -23.83 -31.48 -11.14
N VAL A 86 -24.71 -30.55 -10.77
CA VAL A 86 -24.86 -30.18 -9.37
C VAL A 86 -25.55 -31.28 -8.56
N PHE A 87 -26.05 -32.29 -9.26
CA PHE A 87 -26.66 -33.45 -8.63
C PHE A 87 -25.67 -34.61 -8.58
N SER A 88 -24.38 -34.31 -8.76
CA SER A 88 -23.34 -35.33 -8.74
C SER A 88 -23.43 -36.21 -7.49
N SER A 89 -23.65 -35.59 -6.34
CA SER A 89 -23.70 -36.33 -5.08
C SER A 89 -25.06 -36.98 -4.84
N ARG A 90 -26.08 -36.48 -5.51
CA ARG A 90 -27.46 -36.94 -5.30
C ARG A 90 -27.93 -37.88 -6.40
N TYR A 91 -27.05 -38.16 -7.36
CA TYR A 91 -27.44 -38.82 -8.60
C TYR A 91 -28.10 -40.20 -8.42
N ALA A 92 -27.71 -40.92 -7.36
CA ALA A 92 -28.27 -42.26 -7.14
C ALA A 92 -29.17 -42.30 -5.91
N GLY A 93 -29.78 -41.16 -5.58
CA GLY A 93 -30.65 -41.06 -4.43
C GLY A 93 -29.88 -40.72 -3.16
N LYS A 94 -30.61 -40.48 -2.08
CA LYS A 94 -29.96 -40.19 -0.80
C LYS A 94 -29.49 -41.48 -0.14
N ASN A 95 -28.44 -41.37 0.66
CA ASN A 95 -27.87 -42.53 1.36
C ASN A 95 -27.23 -43.56 0.43
N ALA A 96 -26.94 -43.14 -0.81
CA ALA A 96 -26.29 -44.02 -1.77
C ALA A 96 -24.78 -43.95 -1.63
N THR A 97 -24.09 -44.96 -2.16
CA THR A 97 -22.63 -45.03 -2.09
C THR A 97 -21.99 -44.53 -3.38
N ASP A 98 -20.66 -44.39 -3.37
CA ASP A 98 -19.93 -44.04 -4.58
C ASP A 98 -20.12 -45.11 -5.64
N ALA A 99 -20.07 -46.37 -5.21
CA ALA A 99 -20.26 -47.49 -6.11
C ALA A 99 -21.61 -47.44 -6.81
N GLU A 100 -22.65 -47.11 -6.05
CA GLU A 100 -24.00 -47.01 -6.61
C GLU A 100 -24.09 -45.90 -7.66
N ARG A 101 -23.52 -44.74 -7.33
CA ARG A 101 -23.52 -43.61 -8.26
C ARG A 101 -22.79 -43.95 -9.56
N ILE A 102 -21.67 -44.66 -9.44
CA ILE A 102 -20.91 -45.10 -10.60
C ILE A 102 -21.77 -45.96 -11.50
N GLN A 103 -22.54 -46.86 -10.90
CA GLN A 103 -23.40 -47.75 -11.66
C GLN A 103 -24.54 -47.01 -12.36
N LYS A 104 -25.10 -46.00 -11.69
CA LYS A 104 -26.17 -45.22 -12.29
C LYS A 104 -25.67 -44.43 -13.50
N VAL A 105 -24.46 -43.88 -13.39
CA VAL A 105 -23.86 -43.18 -14.52
C VAL A 105 -23.63 -44.13 -15.70
N LEU A 106 -23.11 -45.31 -15.39
CA LEU A 106 -22.85 -46.31 -16.43
C LEU A 106 -24.15 -46.76 -17.10
N GLU A 107 -25.20 -46.95 -16.31
CA GLU A 107 -26.51 -47.33 -16.85
C GLU A 107 -27.09 -46.21 -17.72
N ALA A 108 -26.96 -44.97 -17.24
CA ALA A 108 -27.48 -43.80 -17.95
C ALA A 108 -26.85 -43.66 -19.33
N LEU A 109 -25.52 -43.81 -19.40
CA LEU A 109 -24.82 -43.77 -20.68
C LEU A 109 -25.26 -44.93 -21.56
N GLU A 110 -25.30 -46.13 -20.97
CA GLU A 110 -25.78 -47.31 -21.67
C GLU A 110 -27.13 -47.06 -22.33
N ALA A 111 -28.03 -46.42 -21.59
CA ALA A 111 -29.39 -46.17 -22.05
C ALA A 111 -29.45 -45.07 -23.10
N ALA A 112 -28.60 -44.06 -22.93
CA ALA A 112 -28.54 -42.96 -23.89
C ALA A 112 -27.97 -43.45 -25.21
N ASP A 113 -27.35 -44.63 -25.17
CA ASP A 113 -26.65 -45.20 -26.31
C ASP A 113 -26.08 -44.12 -27.23
N ASP A 114 -25.28 -43.24 -26.66
CA ASP A 114 -24.65 -42.15 -27.40
C ASP A 114 -23.14 -42.36 -27.41
N SER A 115 -22.59 -42.56 -28.60
CA SER A 115 -21.17 -42.87 -28.76
C SER A 115 -20.25 -41.90 -28.01
N ASP A 116 -20.76 -40.72 -27.70
CA ASP A 116 -19.96 -39.70 -27.02
C ASP A 116 -19.86 -40.00 -25.52
N ARG A 117 -18.66 -40.35 -25.07
CA ARG A 117 -18.40 -40.63 -23.66
C ARG A 117 -17.74 -39.44 -22.99
N SER A 118 -17.69 -38.31 -23.69
CA SER A 118 -17.01 -37.12 -23.18
C SER A 118 -17.57 -36.66 -21.85
N ALA A 119 -16.68 -36.23 -20.96
CA ALA A 119 -17.08 -35.76 -19.64
C ALA A 119 -16.04 -34.81 -19.08
N SER A 120 -16.41 -34.06 -18.06
CA SER A 120 -15.50 -33.13 -17.42
C SER A 120 -15.78 -33.05 -15.93
N PHE A 121 -14.73 -32.93 -15.14
CA PHE A 121 -14.85 -32.57 -13.73
C PHE A 121 -14.70 -31.07 -13.61
N HIS A 122 -15.52 -30.46 -12.75
CA HIS A 122 -15.45 -29.02 -12.54
C HIS A 122 -15.25 -28.71 -11.07
N CYS A 123 -14.40 -27.72 -10.80
CA CYS A 123 -14.27 -27.18 -9.44
C CYS A 123 -14.35 -25.67 -9.49
N VAL A 124 -15.34 -25.11 -8.81
CA VAL A 124 -15.50 -23.67 -8.77
C VAL A 124 -15.32 -23.18 -7.34
N ILE A 125 -14.34 -22.31 -7.15
CA ILE A 125 -14.03 -21.74 -5.85
C ILE A 125 -14.52 -20.30 -5.83
N ALA A 126 -15.19 -19.92 -4.75
CA ALA A 126 -15.60 -18.54 -4.55
C ALA A 126 -14.98 -18.00 -3.27
N LEU A 127 -14.34 -16.85 -3.37
CA LEU A 127 -13.79 -16.16 -2.21
C LEU A 127 -14.49 -14.82 -2.02
N MSE A 128 -15.14 -14.64 -0.88
N MSE A 128 -15.18 -14.66 -0.89
CA MSE A 128 -15.87 -13.39 -0.64
CA MSE A 128 -15.90 -13.43 -0.60
C MSE A 128 -15.24 -12.60 0.50
C MSE A 128 -15.17 -12.62 0.47
O MSE A 128 -14.96 -13.13 1.56
O MSE A 128 -14.74 -13.16 1.48
CB MSE A 128 -17.32 -13.70 -0.33
CB MSE A 128 -17.31 -13.76 -0.07
CG MSE A 128 -17.82 -14.92 -1.07
CG MSE A 128 -18.15 -14.56 -1.04
SE MSE A 128 -19.75 -14.94 -1.17
SE MSE A 128 -19.30 -13.42 -2.12
CE MSE A 128 -20.01 -13.35 -2.25
CE MSE A 128 -20.55 -12.84 -0.74
N GLU A 129 -15.04 -11.31 0.25
CA GLU A 129 -14.44 -10.43 1.25
C GLU A 129 -15.35 -10.33 2.47
N ASN A 130 -16.65 -10.21 2.21
CA ASN A 130 -17.67 -10.34 3.24
C ASN A 130 -19.00 -10.73 2.62
N GLU A 131 -20.05 -10.82 3.43
CA GLU A 131 -21.32 -11.35 2.92
C GLU A 131 -21.97 -10.44 1.88
N ASN A 132 -21.59 -9.16 1.87
CA ASN A 132 -22.13 -8.21 0.92
C ASN A 132 -21.28 -8.02 -0.34
N ASP A 133 -20.16 -8.73 -0.42
CA ASP A 133 -19.27 -8.66 -1.58
C ASP A 133 -20.03 -9.06 -2.85
N PRO A 134 -20.15 -8.12 -3.81
CA PRO A 134 -20.87 -8.38 -5.06
C PRO A 134 -19.96 -8.94 -6.14
N ALA A 135 -18.66 -8.96 -5.89
CA ALA A 135 -17.68 -9.37 -6.89
C ALA A 135 -16.65 -10.33 -6.32
N PRO A 136 -17.11 -11.50 -5.85
CA PRO A 136 -16.20 -12.49 -5.27
C PRO A 136 -15.19 -12.96 -6.30
N LEU A 137 -14.01 -13.36 -5.84
CA LEU A 137 -13.05 -14.01 -6.72
C LEU A 137 -13.64 -15.36 -7.11
N ILE A 138 -13.69 -15.64 -8.40
CA ILE A 138 -14.18 -16.92 -8.87
C ILE A 138 -13.06 -17.65 -9.62
N CYS A 139 -12.72 -18.84 -9.15
CA CYS A 139 -11.73 -19.68 -9.81
C CYS A 139 -12.42 -20.93 -10.34
N HIS A 140 -12.30 -21.17 -11.65
CA HIS A 140 -12.99 -22.30 -12.26
C HIS A 140 -12.03 -23.29 -12.91
N GLY A 141 -11.85 -24.44 -12.27
CA GLY A 141 -10.99 -25.48 -12.80
C GLY A 141 -11.78 -26.53 -13.58
N VAL A 142 -11.25 -26.91 -14.73
CA VAL A 142 -11.91 -27.88 -15.59
C VAL A 142 -10.96 -29.00 -15.99
N TRP A 143 -11.42 -30.23 -15.82
CA TRP A 143 -10.61 -31.41 -16.15
C TRP A 143 -11.39 -32.27 -17.14
N GLU A 144 -10.93 -32.32 -18.38
CA GLU A 144 -11.62 -33.06 -19.44
C GLU A 144 -11.16 -34.52 -19.56
N GLY A 145 -12.12 -35.43 -19.72
CA GLY A 145 -11.80 -36.83 -19.89
C GLY A 145 -12.93 -37.60 -20.55
N GLU A 146 -12.99 -38.90 -20.27
CA GLU A 146 -14.02 -39.76 -20.84
C GLU A 146 -14.52 -40.72 -19.77
N ILE A 147 -15.77 -41.15 -19.88
CA ILE A 147 -16.33 -42.13 -18.96
C ILE A 147 -16.00 -43.54 -19.43
N ALA A 148 -15.33 -44.31 -18.57
CA ALA A 148 -14.95 -45.67 -18.92
C ALA A 148 -16.16 -46.59 -18.92
N ARG A 149 -15.97 -47.79 -19.47
CA ARG A 149 -17.04 -48.78 -19.57
C ARG A 149 -17.23 -49.49 -18.23
N GLU A 150 -16.15 -49.60 -17.47
CA GLU A 150 -16.20 -50.23 -16.15
C GLU A 150 -15.20 -49.57 -15.21
N PRO A 151 -15.47 -49.62 -13.90
CA PRO A 151 -14.59 -48.98 -12.91
C PRO A 151 -13.20 -49.61 -12.87
N ARG A 152 -12.16 -48.77 -12.78
CA ARG A 152 -10.79 -49.22 -12.66
C ARG A 152 -10.00 -48.29 -11.74
N GLY A 153 -9.14 -48.85 -10.89
CA GLY A 153 -8.30 -48.03 -10.04
C GLY A 153 -8.62 -48.13 -8.57
N LYS A 154 -7.59 -48.03 -7.73
CA LYS A 154 -7.73 -48.24 -6.30
C LYS A 154 -7.74 -46.94 -5.51
N ASN A 155 -7.37 -45.83 -6.14
CA ASN A 155 -7.26 -44.55 -5.45
C ASN A 155 -8.46 -43.62 -5.61
N GLY A 156 -8.43 -42.50 -4.91
CA GLY A 156 -9.44 -41.48 -5.06
C GLY A 156 -10.77 -41.84 -4.43
N PHE A 157 -11.84 -41.24 -4.96
CA PHE A 157 -13.18 -41.44 -4.43
C PHE A 157 -14.21 -41.08 -5.50
N GLY A 158 -15.47 -41.29 -5.18
CA GLY A 158 -16.54 -40.90 -6.08
C GLY A 158 -16.41 -41.53 -7.46
N TYR A 159 -16.53 -40.69 -8.50
CA TYR A 159 -16.55 -41.15 -9.87
C TYR A 159 -15.15 -41.42 -10.44
N ASP A 160 -14.12 -41.25 -9.62
CA ASP A 160 -12.74 -41.43 -10.07
C ASP A 160 -12.49 -42.72 -10.86
N PRO A 161 -13.07 -43.85 -10.42
CA PRO A 161 -12.83 -45.12 -11.12
C PRO A 161 -13.33 -45.17 -12.56
N ILE A 162 -14.29 -44.33 -12.94
CA ILE A 162 -14.78 -44.33 -14.32
C ILE A 162 -14.40 -43.08 -15.11
N PHE A 163 -13.55 -42.23 -14.54
CA PHE A 163 -13.11 -41.04 -15.25
C PHE A 163 -11.77 -41.28 -15.94
N TYR A 164 -11.84 -41.69 -17.20
CA TYR A 164 -10.65 -41.96 -18.00
C TYR A 164 -9.95 -40.66 -18.39
N VAL A 165 -8.65 -40.61 -18.12
CA VAL A 165 -7.86 -39.42 -18.41
C VAL A 165 -6.98 -39.67 -19.62
N PRO A 166 -7.41 -39.22 -20.81
CA PRO A 166 -6.76 -39.47 -22.09
C PRO A 166 -5.26 -39.19 -22.07
N SER A 167 -4.86 -38.10 -21.41
CA SER A 167 -3.45 -37.69 -21.39
C SER A 167 -2.56 -38.72 -20.69
N HIS A 168 -3.14 -39.46 -19.76
CA HIS A 168 -2.40 -40.44 -18.97
C HIS A 168 -2.75 -41.87 -19.35
N GLN A 169 -3.78 -42.04 -20.18
CA GLN A 169 -4.28 -43.36 -20.54
C GLN A 169 -4.52 -44.20 -19.28
N ARG A 170 -5.11 -43.57 -18.29
CA ARG A 170 -5.45 -44.19 -17.01
C ARG A 170 -6.67 -43.46 -16.46
N THR A 171 -7.44 -44.12 -15.60
CA THR A 171 -8.56 -43.44 -14.95
C THR A 171 -8.01 -42.62 -13.79
N ALA A 172 -8.85 -41.73 -13.25
CA ALA A 172 -8.43 -40.88 -12.13
C ALA A 172 -8.07 -41.73 -10.92
N ALA A 173 -8.75 -42.87 -10.76
CA ALA A 173 -8.52 -43.74 -9.62
C ALA A 173 -7.23 -44.55 -9.78
N GLU A 174 -6.73 -44.64 -11.01
CA GLU A 174 -5.49 -45.34 -11.29
C GLU A 174 -4.27 -44.46 -11.05
N LEU A 175 -4.47 -43.14 -11.09
CA LEU A 175 -3.38 -42.22 -10.86
C LEU A 175 -2.92 -42.24 -9.40
N ASP A 176 -1.63 -42.01 -9.18
CA ASP A 176 -1.14 -41.74 -7.83
C ASP A 176 -1.82 -40.47 -7.34
N PRO A 177 -2.17 -40.43 -6.05
CA PRO A 177 -2.86 -39.29 -5.45
C PRO A 177 -2.20 -37.96 -5.79
N GLN A 178 -0.88 -37.86 -5.65
CA GLN A 178 -0.17 -36.62 -5.92
C GLN A 178 -0.35 -36.17 -7.36
N GLU A 179 -0.31 -37.12 -8.28
CA GLU A 179 -0.44 -36.78 -9.70
C GLU A 179 -1.85 -36.31 -10.02
N LYS A 180 -2.85 -36.97 -9.43
CA LYS A 180 -4.23 -36.55 -9.62
C LYS A 180 -4.44 -35.15 -9.09
N ASN A 181 -3.94 -34.89 -7.88
CA ASN A 181 -4.13 -33.58 -7.24
C ASN A 181 -3.40 -32.45 -7.97
N ALA A 182 -2.39 -32.82 -8.77
CA ALA A 182 -1.63 -31.83 -9.53
C ALA A 182 -2.34 -31.38 -10.81
N ILE A 183 -3.14 -32.26 -11.41
CA ILE A 183 -3.72 -31.98 -12.71
C ILE A 183 -5.25 -31.92 -12.71
N SER A 184 -5.85 -32.22 -11.57
CA SER A 184 -7.31 -32.32 -11.51
C SER A 184 -7.99 -30.96 -11.62
N HIS A 185 -9.31 -30.99 -11.63
CA HIS A 185 -10.13 -29.80 -11.62
C HIS A 185 -9.87 -28.98 -10.36
N ARG A 186 -9.69 -29.68 -9.23
CA ARG A 186 -9.37 -29.01 -7.98
C ARG A 186 -7.96 -28.40 -8.04
N GLY A 187 -7.00 -29.18 -8.52
CA GLY A 187 -5.65 -28.70 -8.66
C GLY A 187 -5.58 -27.42 -9.46
N GLN A 188 -6.31 -27.38 -10.58
CA GLN A 188 -6.31 -26.20 -11.45
C GLN A 188 -6.98 -25.00 -10.79
N ALA A 189 -8.12 -25.23 -10.14
CA ALA A 189 -8.78 -24.16 -9.41
C ALA A 189 -7.85 -23.60 -8.34
N LEU A 190 -7.21 -24.50 -7.58
CA LEU A 190 -6.33 -24.10 -6.50
C LEU A 190 -5.12 -23.29 -7.00
N GLU A 191 -4.58 -23.68 -8.15
CA GLU A 191 -3.44 -22.94 -8.70
C GLU A 191 -3.86 -21.55 -9.16
N GLN A 192 -5.07 -21.43 -9.69
CA GLN A 192 -5.62 -20.13 -10.07
C GLN A 192 -5.76 -19.25 -8.82
N LEU A 193 -6.29 -19.85 -7.76
CA LEU A 193 -6.45 -19.17 -6.48
C LEU A 193 -5.09 -18.72 -5.92
N SER A 194 -4.12 -19.62 -5.95
CA SER A 194 -2.78 -19.31 -5.43
C SER A 194 -2.16 -18.15 -6.18
N THR A 195 -2.28 -18.16 -7.50
CA THR A 195 -1.74 -17.09 -8.32
C THR A 195 -2.27 -15.73 -7.88
N VAL A 196 -3.57 -15.66 -7.64
CA VAL A 196 -4.20 -14.41 -7.22
C VAL A 196 -3.76 -14.00 -5.82
N LEU A 197 -3.78 -14.96 -4.89
CA LEU A 197 -3.42 -14.67 -3.51
C LEU A 197 -1.94 -14.32 -3.36
N THR A 198 -1.08 -15.04 -4.07
CA THR A 198 0.35 -14.77 -4.06
C THR A 198 0.64 -13.38 -4.61
N GLU A 199 -0.03 -13.02 -5.70
CA GLU A 199 0.14 -11.71 -6.33
C GLU A 199 -0.32 -10.62 -5.37
N ALA A 200 -1.41 -10.87 -4.67
CA ALA A 200 -1.89 -9.96 -3.64
C ALA A 200 -0.97 -10.00 -2.42
N MSE B 4 -24.12 -21.93 -38.92
CA MSE B 4 -23.32 -21.09 -38.02
C MSE B 4 -23.87 -21.11 -36.60
O MSE B 4 -25.08 -21.17 -36.39
CB MSE B 4 -23.29 -19.65 -38.54
CG MSE B 4 -22.49 -18.70 -37.65
SE MSE B 4 -22.43 -16.87 -38.32
CE MSE B 4 -21.65 -17.20 -40.07
N LEU B 5 -22.97 -21.06 -35.62
CA LEU B 5 -23.35 -21.03 -34.22
C LEU B 5 -24.17 -19.78 -33.91
N GLU B 6 -25.30 -19.98 -33.24
CA GLU B 6 -26.16 -18.86 -32.85
C GLU B 6 -26.24 -18.76 -31.34
N ILE B 7 -25.94 -17.58 -30.81
CA ILE B 7 -26.00 -17.34 -29.38
C ILE B 7 -26.92 -16.16 -29.08
N VAL B 8 -27.85 -16.37 -28.13
CA VAL B 8 -28.76 -15.31 -27.75
C VAL B 8 -28.12 -14.34 -26.77
N LEU B 9 -28.16 -13.06 -27.10
CA LEU B 9 -27.68 -12.02 -26.19
C LEU B 9 -28.84 -11.54 -25.33
N ALA B 10 -28.75 -11.79 -24.03
CA ALA B 10 -29.81 -11.39 -23.09
C ALA B 10 -29.65 -9.93 -22.69
N SER B 11 -29.75 -9.04 -23.67
CA SER B 11 -29.62 -7.61 -23.44
C SER B 11 -30.31 -6.86 -24.56
N GLN B 12 -31.02 -5.78 -24.21
CA GLN B 12 -31.71 -4.95 -25.19
C GLN B 12 -30.85 -3.75 -25.54
N ASN B 13 -29.61 -3.74 -25.06
CA ASN B 13 -28.70 -2.64 -25.29
C ASN B 13 -28.01 -2.75 -26.65
N SER B 14 -28.25 -1.76 -27.51
CA SER B 14 -27.74 -1.80 -28.88
C SER B 14 -26.22 -1.63 -28.93
N SER B 15 -25.67 -0.85 -28.01
CA SER B 15 -24.22 -0.66 -28.00
C SER B 15 -23.49 -1.93 -27.59
N LYS B 16 -24.06 -2.66 -26.64
CA LYS B 16 -23.47 -3.92 -26.20
C LYS B 16 -23.47 -4.96 -27.31
N LEU B 17 -24.53 -4.96 -28.11
CA LEU B 17 -24.62 -5.86 -29.26
C LEU B 17 -23.59 -5.48 -30.32
N ALA B 18 -23.48 -4.19 -30.60
CA ALA B 18 -22.50 -3.70 -31.56
C ALA B 18 -21.08 -4.03 -31.13
N GLU B 19 -20.79 -3.81 -29.85
CA GLU B 19 -19.45 -4.11 -29.32
C GLU B 19 -19.11 -5.58 -29.50
N MSE B 20 -20.11 -6.43 -29.29
CA MSE B 20 -19.94 -7.87 -29.38
C MSE B 20 -19.65 -8.29 -30.82
O MSE B 20 -18.68 -8.99 -31.10
CB MSE B 20 -21.21 -8.57 -28.88
CG MSE B 20 -21.10 -10.08 -28.72
SE MSE B 20 -20.05 -10.61 -27.16
CE MSE B 20 -20.81 -9.39 -25.84
N GLN B 21 -20.51 -7.84 -31.74
CA GLN B 21 -20.34 -8.14 -33.15
C GLN B 21 -18.96 -7.68 -33.62
N GLU B 22 -18.57 -6.48 -33.21
CA GLU B 22 -17.26 -5.93 -33.53
C GLU B 22 -16.15 -6.82 -32.97
N LEU B 23 -16.33 -7.28 -31.74
CA LEU B 23 -15.32 -8.08 -31.04
C LEU B 23 -15.09 -9.43 -31.70
N LEU B 24 -16.19 -10.09 -32.10
CA LEU B 24 -16.10 -11.44 -32.64
C LEU B 24 -16.34 -11.47 -34.14
N ARG B 25 -15.98 -10.37 -34.81
CA ARG B 25 -16.23 -10.22 -36.24
C ARG B 25 -15.56 -11.31 -37.07
N ASP B 26 -14.45 -11.86 -36.59
CA ASP B 26 -13.73 -12.88 -37.33
C ASP B 26 -14.19 -14.30 -37.01
N LEU B 27 -15.09 -14.43 -36.03
CA LEU B 27 -15.60 -15.74 -35.63
C LEU B 27 -16.93 -16.05 -36.31
N GLU B 28 -17.17 -17.34 -36.57
CA GLU B 28 -18.43 -17.77 -37.15
C GLU B 28 -19.49 -17.94 -36.08
N ILE B 29 -19.91 -16.82 -35.50
CA ILE B 29 -20.95 -16.80 -34.48
C ILE B 29 -21.92 -15.66 -34.78
N LYS B 30 -23.22 -15.95 -34.71
CA LYS B 30 -24.21 -14.91 -34.82
C LYS B 30 -24.86 -14.68 -33.47
N PHE B 31 -24.84 -13.42 -33.03
CA PHE B 31 -25.52 -13.05 -31.80
C PHE B 31 -26.91 -12.49 -32.09
N ILE B 32 -27.90 -13.06 -31.43
CA ILE B 32 -29.28 -12.66 -31.62
C ILE B 32 -29.83 -12.08 -30.32
N PRO B 33 -30.22 -10.80 -30.35
CA PRO B 33 -30.81 -10.20 -29.14
C PRO B 33 -32.07 -10.96 -28.74
N GLN B 34 -32.30 -11.11 -27.45
CA GLN B 34 -33.42 -11.90 -26.97
C GLN B 34 -34.76 -11.31 -27.39
N THR B 35 -34.74 -10.05 -27.80
CA THR B 35 -35.95 -9.40 -28.32
C THR B 35 -36.46 -10.07 -29.59
N GLU B 36 -35.55 -10.71 -30.33
CA GLU B 36 -35.95 -11.43 -31.54
C GLU B 36 -36.76 -12.68 -31.20
N PHE B 37 -36.82 -13.00 -29.92
CA PHE B 37 -37.59 -14.15 -29.45
C PHE B 37 -38.71 -13.70 -28.52
N SER B 38 -38.83 -12.38 -28.34
CA SER B 38 -39.86 -11.81 -27.48
C SER B 38 -39.71 -12.27 -26.03
N VAL B 39 -38.46 -12.42 -25.59
CA VAL B 39 -38.18 -12.83 -24.22
C VAL B 39 -38.54 -11.74 -23.23
N PRO B 40 -39.41 -12.07 -22.25
CA PRO B 40 -39.73 -11.09 -21.21
C PRO B 40 -38.53 -10.89 -20.30
N ASP B 41 -38.28 -9.66 -19.87
CA ASP B 41 -37.17 -9.42 -18.95
C ASP B 41 -37.48 -10.06 -17.61
N ILE B 42 -36.43 -10.52 -16.92
CA ILE B 42 -36.59 -11.19 -15.64
C ILE B 42 -35.94 -10.35 -14.56
N GLU B 43 -36.29 -10.61 -13.30
CA GLU B 43 -35.77 -9.81 -12.20
C GLU B 43 -34.46 -10.35 -11.63
N GLU B 44 -33.49 -9.45 -11.47
CA GLU B 44 -32.20 -9.78 -10.88
C GLU B 44 -32.30 -9.77 -9.36
N THR B 45 -32.18 -10.94 -8.76
CA THR B 45 -32.33 -11.05 -7.30
C THR B 45 -31.02 -11.41 -6.61
N GLY B 46 -29.94 -11.46 -7.39
CA GLY B 46 -28.65 -11.85 -6.84
C GLY B 46 -28.00 -10.74 -6.05
N SER B 47 -27.06 -11.10 -5.18
CA SER B 47 -26.28 -10.12 -4.43
C SER B 47 -24.90 -9.97 -5.06
N THR B 48 -24.67 -10.71 -6.15
CA THR B 48 -23.42 -10.62 -6.89
C THR B 48 -23.69 -10.46 -8.38
N PHE B 49 -22.77 -9.82 -9.09
CA PHE B 49 -22.91 -9.64 -10.53
C PHE B 49 -23.03 -10.99 -11.23
N VAL B 50 -22.24 -11.96 -10.80
CA VAL B 50 -22.23 -13.27 -11.42
C VAL B 50 -23.60 -13.94 -11.28
N GLU B 51 -24.18 -13.87 -10.08
CA GLU B 51 -25.51 -14.44 -9.87
C GLU B 51 -26.54 -13.85 -10.82
N ASN B 52 -26.49 -12.53 -11.02
CA ASN B 52 -27.44 -11.86 -11.90
C ASN B 52 -27.21 -12.18 -13.38
N ALA B 53 -25.94 -12.25 -13.77
CA ALA B 53 -25.60 -12.62 -15.14
C ALA B 53 -26.15 -14.01 -15.45
N ILE B 54 -25.99 -14.93 -14.51
CA ILE B 54 -26.48 -16.29 -14.68
C ILE B 54 -28.01 -16.34 -14.75
N ILE B 55 -28.66 -15.61 -13.85
CA ILE B 55 -30.12 -15.51 -13.89
C ILE B 55 -30.59 -15.11 -15.29
N LYS B 56 -30.03 -14.02 -15.80
CA LYS B 56 -30.42 -13.49 -17.10
C LYS B 56 -30.10 -14.44 -18.25
N ALA B 57 -28.91 -15.04 -18.21
CA ALA B 57 -28.50 -15.96 -19.26
C ALA B 57 -29.37 -17.21 -19.24
N ARG B 58 -29.56 -17.78 -18.05
CA ARG B 58 -30.39 -18.95 -17.87
C ARG B 58 -31.80 -18.73 -18.41
N HIS B 59 -32.37 -17.57 -18.10
CA HIS B 59 -33.71 -17.22 -18.53
C HIS B 59 -33.81 -17.16 -20.06
N ALA B 60 -32.85 -16.48 -20.67
CA ALA B 60 -32.83 -16.36 -22.13
C ALA B 60 -32.70 -17.72 -22.82
N ALA B 61 -31.86 -18.59 -22.26
CA ALA B 61 -31.63 -19.90 -22.84
C ALA B 61 -32.90 -20.76 -22.75
N LYS B 62 -33.57 -20.70 -21.61
CA LYS B 62 -34.79 -21.47 -21.39
C LYS B 62 -35.89 -21.01 -22.34
N GLN B 63 -36.05 -19.70 -22.47
CA GLN B 63 -37.10 -19.16 -23.33
C GLN B 63 -36.84 -19.35 -24.82
N THR B 64 -35.57 -19.42 -25.22
CA THR B 64 -35.23 -19.46 -26.63
C THR B 64 -34.82 -20.83 -27.15
N GLY B 65 -34.24 -21.66 -26.28
CA GLY B 65 -33.75 -22.95 -26.70
C GLY B 65 -32.36 -22.90 -27.30
N LEU B 66 -31.74 -21.72 -27.22
CA LEU B 66 -30.37 -21.53 -27.72
C LEU B 66 -29.42 -21.21 -26.58
N PRO B 67 -28.10 -21.35 -26.83
CA PRO B 67 -27.14 -20.86 -25.83
C PRO B 67 -27.37 -19.37 -25.62
N ALA B 68 -27.10 -18.87 -24.42
CA ALA B 68 -27.35 -17.46 -24.14
C ALA B 68 -26.22 -16.81 -23.35
N LEU B 69 -25.93 -15.56 -23.69
CA LEU B 69 -24.91 -14.80 -23.00
C LEU B 69 -25.51 -13.57 -22.33
N ALA B 70 -25.09 -13.31 -21.10
CA ALA B 70 -25.59 -12.16 -20.37
C ALA B 70 -24.46 -11.56 -19.54
N ASP B 71 -24.64 -10.32 -19.10
CA ASP B 71 -23.69 -9.70 -18.20
C ASP B 71 -24.40 -8.92 -17.10
N ASP B 72 -23.70 -8.75 -15.98
CA ASP B 72 -24.12 -7.79 -14.99
C ASP B 72 -22.91 -6.96 -14.62
N SER B 73 -23.11 -5.68 -14.35
CA SER B 73 -22.01 -4.76 -14.11
C SER B 73 -22.38 -3.75 -13.05
N GLY B 74 -21.37 -3.21 -12.37
CA GLY B 74 -21.60 -2.26 -11.30
C GLY B 74 -20.31 -1.58 -10.85
N LEU B 75 -20.48 -0.58 -9.99
CA LEU B 75 -19.37 0.15 -9.40
C LEU B 75 -19.28 -0.23 -7.94
N THR B 76 -18.10 -0.60 -7.47
CA THR B 76 -17.89 -0.92 -6.06
C THR B 76 -16.95 0.12 -5.44
N ILE B 77 -17.38 0.68 -4.32
CA ILE B 77 -16.60 1.71 -3.63
C ILE B 77 -16.17 1.23 -2.25
N ALA B 78 -14.86 1.20 -2.03
CA ALA B 78 -14.29 0.60 -0.82
C ALA B 78 -14.83 1.24 0.47
N ALA B 79 -14.89 2.56 0.50
CA ALA B 79 -15.34 3.28 1.69
C ALA B 79 -16.83 3.04 1.98
N LEU B 80 -17.55 2.54 0.98
CA LEU B 80 -18.98 2.26 1.14
C LEU B 80 -19.25 0.76 1.18
N ASN B 81 -18.22 -0.01 1.51
CA ASN B 81 -18.33 -1.47 1.58
C ASN B 81 -18.79 -2.06 0.26
N SER B 82 -18.17 -1.60 -0.83
CA SER B 82 -18.42 -2.10 -2.17
C SER B 82 -19.75 -1.65 -2.80
N ALA B 83 -20.50 -0.81 -2.08
CA ALA B 83 -21.69 -0.21 -2.64
C ALA B 83 -21.28 0.83 -3.70
N PRO B 84 -22.17 1.12 -4.68
CA PRO B 84 -23.54 0.60 -4.86
C PRO B 84 -23.60 -0.87 -5.27
N GLY B 85 -22.54 -1.41 -5.85
CA GLY B 85 -22.47 -2.83 -6.18
C GLY B 85 -23.58 -3.31 -7.12
N VAL B 86 -24.32 -4.34 -6.70
CA VAL B 86 -25.40 -4.88 -7.53
C VAL B 86 -26.59 -3.93 -7.59
N PHE B 87 -26.57 -2.90 -6.75
CA PHE B 87 -27.63 -1.91 -6.76
C PHE B 87 -27.20 -0.68 -7.57
N SER B 88 -26.12 -0.82 -8.33
CA SER B 88 -25.60 0.27 -9.16
C SER B 88 -26.68 0.85 -10.07
N SER B 89 -27.52 -0.02 -10.61
CA SER B 89 -28.58 0.41 -11.52
C SER B 89 -29.91 0.66 -10.79
N ARG B 90 -29.85 0.74 -9.46
CA ARG B 90 -31.03 1.00 -8.64
C ARG B 90 -30.72 2.01 -7.54
N TYR B 91 -29.49 2.50 -7.52
CA TYR B 91 -28.96 3.20 -6.35
C TYR B 91 -29.81 4.34 -5.77
N ALA B 92 -30.42 5.15 -6.63
CA ALA B 92 -31.24 6.26 -6.15
C ALA B 92 -32.68 6.14 -6.63
N GLY B 93 -33.13 4.90 -6.82
CA GLY B 93 -34.44 4.63 -7.38
C GLY B 93 -34.31 4.00 -8.75
N LYS B 94 -35.23 3.11 -9.07
CA LYS B 94 -35.21 2.41 -10.36
C LYS B 94 -35.23 3.39 -11.52
N ASN B 95 -35.84 4.55 -11.32
CA ASN B 95 -36.03 5.53 -12.40
C ASN B 95 -35.08 6.73 -12.32
N ALA B 96 -34.14 6.70 -11.39
CA ALA B 96 -33.21 7.81 -11.21
C ALA B 96 -32.33 7.99 -12.44
N THR B 97 -32.00 9.24 -12.75
CA THR B 97 -31.10 9.54 -13.85
C THR B 97 -29.66 9.22 -13.47
N ASP B 98 -28.78 9.09 -14.45
CA ASP B 98 -27.37 8.87 -14.18
C ASP B 98 -26.84 9.97 -13.27
N ALA B 99 -27.27 11.20 -13.55
CA ALA B 99 -26.86 12.36 -12.76
C ALA B 99 -27.32 12.23 -11.31
N GLU B 100 -28.53 11.71 -11.11
CA GLU B 100 -29.04 11.49 -9.76
C GLU B 100 -28.20 10.48 -9.00
N ARG B 101 -27.85 9.38 -9.66
CA ARG B 101 -27.02 8.35 -9.01
C ARG B 101 -25.64 8.88 -8.65
N ILE B 102 -25.02 9.61 -9.57
CA ILE B 102 -23.74 10.26 -9.30
C ILE B 102 -23.80 11.10 -8.03
N GLN B 103 -24.80 11.98 -7.93
CA GLN B 103 -24.94 12.83 -6.75
C GLN B 103 -25.13 12.00 -5.48
N LYS B 104 -25.91 10.93 -5.58
CA LYS B 104 -26.14 10.04 -4.44
C LYS B 104 -24.82 9.42 -3.96
N VAL B 105 -23.99 8.99 -4.91
CA VAL B 105 -22.69 8.43 -4.57
C VAL B 105 -21.78 9.46 -3.90
N LEU B 106 -21.72 10.65 -4.49
CA LEU B 106 -20.91 11.73 -3.92
C LEU B 106 -21.34 12.06 -2.50
N GLU B 107 -22.65 12.05 -2.26
CA GLU B 107 -23.19 12.36 -0.94
C GLU B 107 -22.88 11.25 0.06
N ALA B 108 -23.02 10.02 -0.39
CA ALA B 108 -22.69 8.87 0.46
C ALA B 108 -21.22 8.93 0.89
N LEU B 109 -20.35 9.30 -0.05
CA LEU B 109 -18.92 9.37 0.22
C LEU B 109 -18.55 10.45 1.23
N GLU B 110 -19.11 11.64 1.08
CA GLU B 110 -18.78 12.73 2.00
C GLU B 110 -19.41 12.52 3.37
N ALA B 111 -20.35 11.59 3.45
CA ALA B 111 -20.97 11.23 4.72
C ALA B 111 -20.14 10.19 5.46
N ALA B 112 -19.40 9.39 4.69
CA ALA B 112 -18.59 8.32 5.27
C ALA B 112 -17.27 8.85 5.85
N ASP B 113 -16.87 10.04 5.41
CA ASP B 113 -15.67 10.68 5.92
C ASP B 113 -14.46 9.73 5.88
N ASP B 114 -14.17 9.23 4.68
CA ASP B 114 -13.06 8.28 4.49
C ASP B 114 -12.13 8.80 3.40
N SER B 115 -10.88 9.07 3.76
CA SER B 115 -9.91 9.61 2.82
C SER B 115 -9.67 8.65 1.67
N ASP B 116 -10.15 7.42 1.83
CA ASP B 116 -9.95 6.36 0.84
C ASP B 116 -11.08 6.37 -0.19
N ARG B 117 -10.76 6.85 -1.39
CA ARG B 117 -11.77 6.96 -2.44
C ARG B 117 -11.61 5.89 -3.51
N SER B 118 -10.95 4.79 -3.14
CA SER B 118 -10.75 3.67 -4.05
C SER B 118 -12.07 3.05 -4.50
N ALA B 119 -12.16 2.75 -5.79
CA ALA B 119 -13.35 2.16 -6.36
C ALA B 119 -12.95 1.31 -7.55
N SER B 120 -13.86 0.45 -8.01
CA SER B 120 -13.60 -0.35 -9.19
C SER B 120 -14.88 -0.71 -9.96
N PHE B 121 -14.81 -0.65 -11.28
CA PHE B 121 -15.90 -1.08 -12.14
C PHE B 121 -15.78 -2.59 -12.33
N HIS B 122 -16.91 -3.27 -12.37
CA HIS B 122 -16.91 -4.72 -12.59
C HIS B 122 -17.84 -5.08 -13.74
N CYS B 123 -17.40 -6.02 -14.58
CA CYS B 123 -18.26 -6.58 -15.61
C CYS B 123 -18.11 -8.09 -15.60
N VAL B 124 -19.19 -8.78 -15.27
CA VAL B 124 -19.18 -10.24 -15.27
C VAL B 124 -20.07 -10.76 -16.38
N ILE B 125 -19.47 -11.57 -17.27
CA ILE B 125 -20.20 -12.17 -18.37
C ILE B 125 -20.40 -13.65 -18.09
N ALA B 126 -21.59 -14.17 -18.42
CA ALA B 126 -21.87 -15.58 -18.27
C ALA B 126 -22.46 -16.15 -19.57
N LEU B 127 -21.88 -17.25 -20.03
CA LEU B 127 -22.35 -17.89 -21.25
C LEU B 127 -22.88 -19.27 -20.89
N MSE B 128 -24.15 -19.51 -21.15
N MSE B 128 -24.17 -19.50 -21.13
CA MSE B 128 -24.77 -20.79 -20.82
CA MSE B 128 -24.82 -20.76 -20.78
C MSE B 128 -25.11 -21.58 -22.06
C MSE B 128 -25.15 -21.58 -22.05
O MSE B 128 -25.70 -21.05 -23.01
O MSE B 128 -25.75 -21.06 -22.98
CB MSE B 128 -26.03 -20.55 -19.99
CB MSE B 128 -26.12 -20.49 -20.02
CG MSE B 128 -25.83 -19.54 -18.89
CG MSE B 128 -25.94 -19.82 -18.67
SE MSE B 128 -27.11 -19.81 -17.47
SE MSE B 128 -25.73 -21.08 -17.19
CE MSE B 128 -26.42 -21.49 -16.77
CE MSE B 128 -27.50 -21.88 -17.18
N GLU B 129 -24.75 -22.85 -22.05
CA GLU B 129 -25.04 -23.73 -23.19
C GLU B 129 -26.53 -23.97 -23.32
N ASN B 130 -27.19 -24.13 -22.17
CA ASN B 130 -28.66 -24.17 -22.09
C ASN B 130 -29.06 -23.85 -20.66
N GLU B 131 -30.35 -23.89 -20.36
CA GLU B 131 -30.80 -23.46 -19.03
C GLU B 131 -30.30 -24.37 -17.91
N ASN B 132 -29.94 -25.60 -18.27
CA ASN B 132 -29.50 -26.58 -17.27
C ASN B 132 -27.99 -26.69 -17.12
N ASP B 133 -27.26 -25.83 -17.84
CA ASP B 133 -25.80 -25.84 -17.78
C ASP B 133 -25.32 -25.52 -16.36
N PRO B 134 -24.60 -26.45 -15.73
CA PRO B 134 -24.12 -26.24 -14.36
C PRO B 134 -22.76 -25.56 -14.33
N ALA B 135 -22.12 -25.41 -15.47
CA ALA B 135 -20.79 -24.86 -15.56
C ALA B 135 -20.67 -23.84 -16.68
N PRO B 136 -21.37 -22.69 -16.53
CA PRO B 136 -21.28 -21.66 -17.57
C PRO B 136 -19.90 -21.03 -17.59
N LEU B 137 -19.50 -20.52 -18.75
CA LEU B 137 -18.29 -19.73 -18.84
C LEU B 137 -18.50 -18.40 -18.13
N ILE B 138 -17.63 -18.08 -17.19
CA ILE B 138 -17.66 -16.81 -16.49
C ILE B 138 -16.42 -15.98 -16.82
N CYS B 139 -16.64 -14.80 -17.40
CA CYS B 139 -15.56 -13.86 -17.62
C CYS B 139 -15.77 -12.67 -16.70
N HIS B 140 -14.69 -12.23 -16.04
CA HIS B 140 -14.80 -11.16 -15.06
C HIS B 140 -13.75 -10.09 -15.31
N GLY B 141 -14.20 -8.94 -15.80
CA GLY B 141 -13.31 -7.82 -16.05
C GLY B 141 -13.37 -6.83 -14.89
N VAL B 142 -12.22 -6.34 -14.46
CA VAL B 142 -12.16 -5.41 -13.34
C VAL B 142 -11.33 -4.18 -13.71
N TRP B 143 -11.87 -3.01 -13.39
CA TRP B 143 -11.20 -1.74 -13.68
C TRP B 143 -11.02 -0.94 -12.39
N GLU B 144 -9.77 -0.77 -11.97
CA GLU B 144 -9.49 -0.06 -10.73
C GLU B 144 -9.38 1.45 -10.96
N GLY B 145 -9.93 2.22 -10.03
CA GLY B 145 -9.85 3.66 -10.08
C GLY B 145 -10.20 4.30 -8.75
N GLU B 146 -10.75 5.51 -8.82
CA GLU B 146 -11.16 6.24 -7.63
C GLU B 146 -12.38 7.09 -7.95
N ILE B 147 -13.09 7.51 -6.91
CA ILE B 147 -14.24 8.38 -7.11
C ILE B 147 -13.81 9.85 -7.01
N ALA B 148 -14.11 10.62 -8.05
CA ALA B 148 -13.82 12.05 -8.04
C ALA B 148 -14.72 12.77 -7.05
N ARG B 149 -14.50 14.07 -6.86
CA ARG B 149 -15.33 14.86 -5.97
C ARG B 149 -16.46 15.56 -6.72
N GLU B 150 -16.29 15.70 -8.03
CA GLU B 150 -17.31 16.30 -8.88
C GLU B 150 -17.25 15.65 -10.26
N PRO B 151 -18.39 15.60 -10.95
CA PRO B 151 -18.45 14.99 -12.28
C PRO B 151 -17.67 15.82 -13.31
N ARG B 152 -16.97 15.15 -14.23
CA ARG B 152 -16.36 15.85 -15.36
C ARG B 152 -16.14 14.91 -16.55
N GLY B 153 -16.22 15.45 -17.76
CA GLY B 153 -16.07 14.65 -18.95
C GLY B 153 -17.36 14.57 -19.75
N LYS B 154 -17.21 14.51 -21.07
CA LYS B 154 -18.35 14.60 -21.98
C LYS B 154 -18.75 13.26 -22.56
N ASN B 155 -17.92 12.24 -22.37
CA ASN B 155 -18.18 10.94 -22.96
C ASN B 155 -18.72 9.90 -21.97
N GLY B 156 -18.93 8.68 -22.45
CA GLY B 156 -19.39 7.60 -21.61
C GLY B 156 -20.84 7.74 -21.17
N PHE B 157 -21.14 7.21 -19.99
CA PHE B 157 -22.49 7.19 -19.45
C PHE B 157 -22.43 6.75 -18.00
N GLY B 158 -23.57 6.76 -17.31
CA GLY B 158 -23.62 6.28 -15.94
C GLY B 158 -22.65 6.98 -15.01
N TYR B 159 -21.86 6.20 -14.29
CA TYR B 159 -20.94 6.75 -13.29
C TYR B 159 -19.61 7.26 -13.87
N ASP B 160 -19.45 7.16 -15.18
CA ASP B 160 -18.18 7.55 -15.82
C ASP B 160 -17.63 8.93 -15.41
N PRO B 161 -18.50 9.94 -15.33
CA PRO B 161 -18.02 11.28 -14.98
C PRO B 161 -17.35 11.39 -13.62
N ILE B 162 -17.56 10.43 -12.72
CA ILE B 162 -16.90 10.47 -11.42
C ILE B 162 -15.94 9.29 -11.19
N PHE B 163 -15.68 8.51 -12.24
CA PHE B 163 -14.72 7.42 -12.09
C PHE B 163 -13.35 7.89 -12.53
N TYR B 164 -12.53 8.29 -11.57
CA TYR B 164 -11.19 8.78 -11.85
C TYR B 164 -10.25 7.61 -12.11
N VAL B 165 -9.49 7.72 -13.20
CA VAL B 165 -8.58 6.68 -13.64
C VAL B 165 -7.15 7.18 -13.48
N PRO B 166 -6.50 6.82 -12.37
CA PRO B 166 -5.15 7.29 -12.02
C PRO B 166 -4.15 7.14 -13.17
N SER B 167 -4.21 6.02 -13.87
CA SER B 167 -3.25 5.76 -14.95
C SER B 167 -3.34 6.80 -16.06
N HIS B 168 -4.48 7.48 -16.16
CA HIS B 168 -4.71 8.44 -17.24
C HIS B 168 -4.88 9.88 -16.74
N GLN B 169 -4.98 10.06 -15.42
CA GLN B 169 -5.18 11.39 -14.85
C GLN B 169 -6.41 12.06 -15.43
N ARG B 170 -7.47 11.28 -15.62
CA ARG B 170 -8.75 11.77 -16.11
C ARG B 170 -9.83 10.84 -15.59
N THR B 171 -11.08 11.27 -15.64
CA THR B 171 -12.19 10.39 -15.35
C THR B 171 -12.51 9.57 -16.59
N ALA B 172 -13.29 8.51 -16.41
CA ALA B 172 -13.72 7.68 -17.53
C ALA B 172 -14.43 8.49 -18.61
N ALA B 173 -15.18 9.49 -18.20
CA ALA B 173 -15.95 10.32 -19.15
C ALA B 173 -15.06 11.24 -19.98
N GLU B 174 -13.86 11.52 -19.48
CA GLU B 174 -12.94 12.40 -20.19
C GLU B 174 -12.15 11.67 -21.28
N LEU B 175 -12.07 10.35 -21.17
CA LEU B 175 -11.31 9.55 -22.13
C LEU B 175 -12.02 9.55 -23.48
N ASP B 176 -11.24 9.45 -24.55
CA ASP B 176 -11.81 9.15 -25.85
C ASP B 176 -12.49 7.79 -25.74
N PRO B 177 -13.67 7.64 -26.36
CA PRO B 177 -14.43 6.38 -26.30
C PRO B 177 -13.58 5.15 -26.62
N GLN B 178 -12.70 5.25 -27.61
CA GLN B 178 -11.88 4.11 -28.00
C GLN B 178 -10.88 3.72 -26.90
N GLU B 179 -10.40 4.71 -26.16
CA GLU B 179 -9.45 4.44 -25.08
C GLU B 179 -10.15 3.78 -23.89
N LYS B 180 -11.31 4.32 -23.52
CA LYS B 180 -12.10 3.73 -22.44
C LYS B 180 -12.41 2.27 -22.74
N ASN B 181 -12.92 2.01 -23.94
CA ASN B 181 -13.33 0.65 -24.32
C ASN B 181 -12.17 -0.34 -24.35
N ALA B 182 -10.96 0.18 -24.50
CA ALA B 182 -9.77 -0.68 -24.56
C ALA B 182 -9.25 -1.08 -23.19
N ILE B 183 -9.69 -0.39 -22.14
CA ILE B 183 -9.15 -0.63 -20.81
C ILE B 183 -10.20 -0.89 -19.75
N SER B 184 -11.47 -0.61 -20.09
CA SER B 184 -12.54 -0.70 -19.12
C SER B 184 -12.80 -2.14 -18.65
N HIS B 185 -13.65 -2.26 -17.64
CA HIS B 185 -14.08 -3.55 -17.12
C HIS B 185 -14.75 -4.39 -18.22
N ARG B 186 -15.49 -3.72 -19.10
CA ARG B 186 -16.17 -4.40 -20.19
C ARG B 186 -15.19 -4.86 -21.27
N GLY B 187 -14.27 -3.98 -21.65
CA GLY B 187 -13.24 -4.33 -22.61
C GLY B 187 -12.46 -5.54 -22.16
N GLN B 188 -12.13 -5.58 -20.87
CA GLN B 188 -11.37 -6.69 -20.32
C GLN B 188 -12.17 -7.99 -20.33
N ALA B 189 -13.43 -7.91 -19.89
CA ALA B 189 -14.31 -9.07 -19.91
C ALA B 189 -14.51 -9.59 -21.33
N LEU B 190 -14.65 -8.68 -22.28
CA LEU B 190 -14.85 -9.06 -23.67
C LEU B 190 -13.63 -9.73 -24.27
N GLU B 191 -12.44 -9.23 -23.91
CA GLU B 191 -11.20 -9.83 -24.40
C GLU B 191 -11.05 -11.25 -23.86
N GLN B 192 -11.46 -11.46 -22.61
CA GLN B 192 -11.43 -12.79 -22.02
C GLN B 192 -12.38 -13.72 -22.76
N LEU B 193 -13.58 -13.22 -23.06
CA LEU B 193 -14.57 -13.99 -23.80
C LEU B 193 -14.05 -14.35 -25.19
N SER B 194 -13.48 -13.36 -25.87
CA SER B 194 -12.96 -13.54 -27.22
C SER B 194 -11.83 -14.58 -27.26
N THR B 195 -10.94 -14.52 -26.28
CA THR B 195 -9.85 -15.50 -26.19
C THR B 195 -10.42 -16.90 -26.12
N VAL B 196 -11.37 -17.09 -25.22
CA VAL B 196 -12.00 -18.39 -25.01
C VAL B 196 -12.73 -18.85 -26.26
N LEU B 197 -13.58 -17.99 -26.81
CA LEU B 197 -14.37 -18.35 -27.98
C LEU B 197 -13.51 -18.59 -29.22
N THR B 198 -12.44 -17.81 -29.36
CA THR B 198 -11.55 -17.94 -30.51
C THR B 198 -10.79 -19.27 -30.45
N GLU B 199 -10.22 -19.56 -29.29
CA GLU B 199 -9.48 -20.80 -29.10
C GLU B 199 -10.39 -22.02 -29.19
N ALA B 200 -11.68 -21.81 -28.94
CA ALA B 200 -12.66 -22.88 -29.05
C ALA B 200 -12.97 -23.19 -30.51
N MSE C 4 14.16 44.01 19.20
CA MSE C 4 13.54 42.87 18.52
C MSE C 4 14.58 41.85 18.06
O MSE C 4 15.67 42.22 17.64
CB MSE C 4 12.71 43.36 17.32
CG MSE C 4 11.95 42.24 16.61
SE MSE C 4 10.90 42.88 15.09
CE MSE C 4 9.85 44.25 15.98
N LEU C 5 14.22 40.58 18.15
CA LEU C 5 15.09 39.51 17.68
C LEU C 5 15.26 39.55 16.17
N GLU C 6 16.51 39.46 15.72
CA GLU C 6 16.82 39.47 14.29
C GLU C 6 17.45 38.14 13.86
N ILE C 7 16.90 37.55 12.81
CA ILE C 7 17.41 36.29 12.28
C ILE C 7 17.72 36.46 10.80
N VAL C 8 18.89 35.98 10.37
CA VAL C 8 19.28 36.09 8.98
C VAL C 8 18.71 34.93 8.19
N LEU C 9 18.09 35.23 7.05
CA LEU C 9 17.60 34.20 6.15
C LEU C 9 18.63 33.93 5.07
N ALA C 10 19.18 32.72 5.06
CA ALA C 10 20.22 32.35 4.12
C ALA C 10 19.61 31.90 2.80
N SER C 11 18.90 32.83 2.15
CA SER C 11 18.23 32.57 0.89
C SER C 11 17.97 33.89 0.18
N GLN C 12 18.13 33.87 -1.14
CA GLN C 12 17.84 35.05 -1.96
C GLN C 12 16.44 34.96 -2.55
N ASN C 13 15.71 33.92 -2.17
CA ASN C 13 14.38 33.69 -2.73
C ASN C 13 13.35 34.63 -2.11
N SER C 14 12.74 35.48 -2.94
CA SER C 14 11.77 36.45 -2.46
C SER C 14 10.52 35.79 -1.90
N SER C 15 10.07 34.71 -2.53
CA SER C 15 8.90 33.96 -2.07
C SER C 15 9.10 33.38 -0.67
N LYS C 16 10.28 32.82 -0.41
CA LYS C 16 10.55 32.21 0.89
C LYS C 16 10.55 33.25 2.02
N LEU C 17 11.10 34.43 1.74
CA LEU C 17 11.07 35.52 2.72
C LEU C 17 9.64 35.96 2.96
N ALA C 18 8.87 36.10 1.87
CA ALA C 18 7.49 36.54 1.96
C ALA C 18 6.65 35.57 2.78
N GLU C 19 6.80 34.28 2.50
CA GLU C 19 6.07 33.26 3.25
C GLU C 19 6.42 33.31 4.73
N MSE C 20 7.70 33.52 5.02
CA MSE C 20 8.20 33.57 6.39
C MSE C 20 7.57 34.74 7.13
O MSE C 20 7.03 34.58 8.23
CB MSE C 20 9.72 33.70 6.39
CG MSE C 20 10.37 33.60 7.75
SE MSE C 20 10.41 31.76 8.41
CE MSE C 20 10.93 30.88 6.74
N GLN C 21 7.65 35.92 6.53
CA GLN C 21 7.06 37.13 7.11
C GLN C 21 5.57 36.96 7.37
N GLU C 22 4.85 36.44 6.40
CA GLU C 22 3.42 36.18 6.55
C GLU C 22 3.19 35.23 7.74
N LEU C 23 3.93 34.12 7.74
CA LEU C 23 3.81 33.11 8.79
C LEU C 23 4.03 33.67 10.19
N LEU C 24 5.08 34.47 10.36
CA LEU C 24 5.44 34.96 11.68
C LEU C 24 5.07 36.43 11.90
N ARG C 25 4.04 36.89 11.21
CA ARG C 25 3.67 38.30 11.26
C ARG C 25 3.32 38.77 12.69
N ASP C 26 2.86 37.84 13.52
CA ASP C 26 2.44 38.18 14.88
C ASP C 26 3.58 38.10 15.89
N LEU C 27 4.73 37.59 15.45
CA LEU C 27 5.88 37.44 16.33
C LEU C 27 6.82 38.63 16.24
N GLU C 28 7.47 38.96 17.35
CA GLU C 28 8.46 40.04 17.35
C GLU C 28 9.80 39.54 16.84
N ILE C 29 9.83 39.15 15.58
CA ILE C 29 11.06 38.73 14.92
C ILE C 29 11.19 39.40 13.56
N LYS C 30 12.40 39.87 13.25
CA LYS C 30 12.68 40.41 11.93
C LYS C 30 13.66 39.52 11.19
N PHE C 31 13.27 39.07 10.00
CA PHE C 31 14.13 38.25 9.17
C PHE C 31 14.84 39.09 8.14
N ILE C 32 16.17 39.09 8.20
CA ILE C 32 16.98 39.87 7.28
C ILE C 32 17.63 38.95 6.25
N PRO C 33 17.36 39.19 4.95
CA PRO C 33 17.97 38.39 3.89
C PRO C 33 19.48 38.52 3.99
N GLN C 34 20.22 37.44 3.72
CA GLN C 34 21.67 37.45 3.85
C GLN C 34 22.32 38.41 2.85
N THR C 35 21.57 38.83 1.84
CA THR C 35 22.09 39.79 0.88
C THR C 35 22.29 41.17 1.50
N GLU C 36 21.61 41.42 2.62
CA GLU C 36 21.77 42.69 3.34
C GLU C 36 23.12 42.77 4.03
N PHE C 37 23.82 41.64 4.09
CA PHE C 37 25.16 41.59 4.67
C PHE C 37 26.19 41.22 3.59
N SER C 38 25.76 41.24 2.33
CA SER C 38 26.61 40.85 1.21
C SER C 38 27.25 39.48 1.43
N VAL C 39 26.46 38.53 1.91
CA VAL C 39 26.96 37.17 2.12
C VAL C 39 27.06 36.41 0.80
N PRO C 40 28.24 35.85 0.50
CA PRO C 40 28.42 35.05 -0.71
C PRO C 40 27.85 33.64 -0.53
N ASP C 41 27.13 33.15 -1.53
CA ASP C 41 26.55 31.80 -1.47
C ASP C 41 27.63 30.73 -1.41
N ILE C 42 27.47 29.79 -0.49
CA ILE C 42 28.46 28.75 -0.24
C ILE C 42 28.08 27.41 -0.89
N GLU C 43 29.07 26.56 -1.12
CA GLU C 43 28.86 25.28 -1.80
C GLU C 43 28.21 24.23 -0.92
N GLU C 44 27.10 23.68 -1.39
CA GLU C 44 26.38 22.63 -0.68
C GLU C 44 26.95 21.26 -1.02
N THR C 45 27.66 20.67 -0.07
CA THR C 45 28.40 19.44 -0.31
C THR C 45 27.76 18.20 0.32
N GLY C 46 26.64 18.39 0.99
CA GLY C 46 26.00 17.30 1.71
C GLY C 46 25.29 16.29 0.84
N SER C 47 25.05 15.10 1.38
CA SER C 47 24.26 14.07 0.70
C SER C 47 22.85 14.02 1.29
N THR C 48 22.59 14.90 2.26
CA THR C 48 21.26 15.02 2.84
C THR C 48 20.82 16.47 2.85
N PHE C 49 19.51 16.70 2.84
CA PHE C 49 18.97 18.04 2.91
C PHE C 49 19.43 18.75 4.18
N VAL C 50 19.40 18.05 5.31
CA VAL C 50 19.74 18.67 6.58
C VAL C 50 21.21 19.11 6.63
N GLU C 51 22.10 18.33 6.03
CA GLU C 51 23.51 18.71 5.97
C GLU C 51 23.67 20.03 5.23
N ASN C 52 22.98 20.18 4.10
CA ASN C 52 23.06 21.42 3.33
C ASN C 52 22.42 22.60 4.03
N ALA C 53 21.28 22.37 4.66
CA ALA C 53 20.62 23.43 5.43
C ALA C 53 21.56 23.95 6.51
N ILE C 54 22.25 23.03 7.17
CA ILE C 54 23.22 23.40 8.20
C ILE C 54 24.42 24.14 7.62
N ILE C 55 24.93 23.65 6.50
CA ILE C 55 26.03 24.32 5.80
C ILE C 55 25.68 25.77 5.50
N LYS C 56 24.48 25.99 4.98
CA LYS C 56 24.05 27.34 4.60
C LYS C 56 23.74 28.21 5.81
N ALA C 57 23.13 27.63 6.83
CA ALA C 57 22.80 28.40 8.03
C ALA C 57 24.08 28.77 8.81
N ARG C 58 25.00 27.82 8.93
CA ARG C 58 26.25 28.06 9.65
C ARG C 58 27.03 29.19 8.98
N HIS C 59 27.07 29.15 7.65
CA HIS C 59 27.79 30.14 6.86
C HIS C 59 27.18 31.54 7.04
N ALA C 60 25.86 31.63 6.97
CA ALA C 60 25.17 32.90 7.17
C ALA C 60 25.47 33.46 8.56
N ALA C 61 25.39 32.60 9.57
CA ALA C 61 25.62 33.00 10.95
C ALA C 61 27.05 33.50 11.14
N LYS C 62 28.00 32.80 10.53
CA LYS C 62 29.41 33.14 10.65
C LYS C 62 29.71 34.48 10.00
N GLN C 63 29.11 34.72 8.84
CA GLN C 63 29.40 35.93 8.06
C GLN C 63 28.58 37.15 8.50
N THR C 64 27.58 36.94 9.33
CA THR C 64 26.74 38.05 9.77
C THR C 64 26.83 38.32 11.27
N GLY C 65 27.18 37.30 12.05
CA GLY C 65 27.26 37.44 13.49
C GLY C 65 25.91 37.38 14.16
N LEU C 66 24.89 37.01 13.40
CA LEU C 66 23.53 36.88 13.93
C LEU C 66 23.07 35.43 13.80
N PRO C 67 22.00 35.06 14.52
CA PRO C 67 21.40 33.75 14.30
C PRO C 67 20.96 33.66 12.84
N ALA C 68 20.92 32.46 12.27
CA ALA C 68 20.61 32.34 10.86
C ALA C 68 19.77 31.11 10.55
N LEU C 69 18.86 31.26 9.58
CA LEU C 69 17.95 30.20 9.20
C LEU C 69 18.16 29.85 7.73
N ALA C 70 18.18 28.56 7.41
CA ALA C 70 18.29 28.13 6.02
C ALA C 70 17.48 26.87 5.80
N ASP C 71 17.25 26.54 4.54
CA ASP C 71 16.57 25.29 4.21
C ASP C 71 17.21 24.63 3.00
N ASP C 72 17.05 23.32 2.90
CA ASP C 72 17.30 22.62 1.65
C ASP C 72 16.10 21.72 1.38
N SER C 73 15.77 21.56 0.10
CA SER C 73 14.55 20.86 -0.28
C SER C 73 14.77 20.05 -1.54
N GLY C 74 13.90 19.06 -1.77
CA GLY C 74 14.06 18.22 -2.94
C GLY C 74 13.01 17.14 -3.06
N LEU C 75 13.07 16.44 -4.18
CA LEU C 75 12.12 15.37 -4.51
C LEU C 75 12.82 14.02 -4.42
N THR C 76 12.22 13.08 -3.71
CA THR C 76 12.77 11.74 -3.62
C THR C 76 11.82 10.75 -4.28
N ILE C 77 12.34 9.93 -5.19
CA ILE C 77 11.55 8.97 -5.94
C ILE C 77 11.96 7.54 -5.58
N ALA C 78 11.05 6.80 -4.96
CA ALA C 78 11.36 5.48 -4.44
C ALA C 78 11.99 4.54 -5.47
N ALA C 79 11.45 4.56 -6.69
CA ALA C 79 11.93 3.68 -7.75
C ALA C 79 13.33 4.07 -8.22
N LEU C 80 13.73 5.29 -7.90
CA LEU C 80 15.05 5.77 -8.32
C LEU C 80 16.00 5.87 -7.13
N ASN C 81 15.69 5.10 -6.09
CA ASN C 81 16.49 5.10 -4.87
C ASN C 81 16.61 6.50 -4.27
N SER C 82 15.48 7.21 -4.22
CA SER C 82 15.38 8.53 -3.61
C SER C 82 15.95 9.68 -4.46
N ALA C 83 16.35 9.38 -5.69
CA ALA C 83 16.77 10.43 -6.61
C ALA C 83 15.55 11.21 -7.07
N PRO C 84 15.74 12.46 -7.53
CA PRO C 84 17.02 13.18 -7.62
C PRO C 84 17.52 13.63 -6.26
N GLY C 85 16.62 13.64 -5.28
CA GLY C 85 16.98 13.94 -3.90
C GLY C 85 17.80 15.20 -3.73
N VAL C 86 18.98 15.05 -3.14
CA VAL C 86 19.84 16.19 -2.86
C VAL C 86 20.32 16.85 -4.14
N PHE C 87 20.16 16.15 -5.27
CA PHE C 87 20.53 16.69 -6.58
C PHE C 87 19.32 17.22 -7.35
N SER C 88 18.21 17.43 -6.64
CA SER C 88 16.98 17.89 -7.29
C SER C 88 17.18 19.18 -8.09
N SER C 89 17.99 20.09 -7.55
CA SER C 89 18.22 21.38 -8.20
C SER C 89 19.34 21.35 -9.23
N ARG C 90 19.98 20.19 -9.39
CA ARG C 90 21.08 20.04 -10.36
C ARG C 90 20.82 18.90 -11.33
N TYR C 91 19.64 18.29 -11.22
CA TYR C 91 19.37 16.98 -11.83
C TYR C 91 19.75 16.81 -13.31
N ALA C 92 19.27 17.70 -14.18
CA ALA C 92 19.53 17.56 -15.61
C ALA C 92 20.63 18.51 -16.08
N GLY C 93 21.47 18.93 -15.15
CA GLY C 93 22.46 19.96 -15.41
C GLY C 93 22.18 21.16 -14.52
N LYS C 94 23.22 21.91 -14.18
CA LYS C 94 23.07 23.00 -13.22
C LYS C 94 22.24 24.18 -13.75
N ASN C 95 22.16 24.31 -15.06
CA ASN C 95 21.37 25.38 -15.66
C ASN C 95 20.19 24.88 -16.47
N ALA C 96 19.79 23.63 -16.22
CA ALA C 96 18.63 23.06 -16.90
C ALA C 96 17.36 23.78 -16.49
N THR C 97 16.37 23.80 -17.37
CA THR C 97 15.08 24.42 -17.06
C THR C 97 14.24 23.47 -16.22
N ASP C 98 13.19 24.00 -15.59
CA ASP C 98 12.29 23.15 -14.82
C ASP C 98 11.70 22.06 -15.71
N ALA C 99 11.31 22.46 -16.93
CA ALA C 99 10.73 21.52 -17.87
C ALA C 99 11.72 20.41 -18.23
N GLU C 100 12.99 20.78 -18.41
CA GLU C 100 14.04 19.82 -18.68
C GLU C 100 14.18 18.80 -17.55
N ARG C 101 14.19 19.27 -16.32
CA ARG C 101 14.33 18.39 -15.17
C ARG C 101 13.15 17.43 -15.08
N ILE C 102 11.96 17.95 -15.34
CA ILE C 102 10.75 17.12 -15.35
C ILE C 102 10.88 15.97 -16.34
N GLN C 103 11.28 16.29 -17.56
CA GLN C 103 11.42 15.28 -18.61
C GLN C 103 12.44 14.20 -18.24
N LYS C 104 13.54 14.62 -17.62
CA LYS C 104 14.56 13.66 -17.20
C LYS C 104 14.04 12.70 -16.14
N VAL C 105 13.20 13.21 -15.24
CA VAL C 105 12.58 12.36 -14.22
C VAL C 105 11.64 11.35 -14.86
N LEU C 106 10.76 11.81 -15.74
CA LEU C 106 9.82 10.92 -16.41
C LEU C 106 10.54 9.83 -17.19
N GLU C 107 11.64 10.20 -17.84
CA GLU C 107 12.44 9.24 -18.59
C GLU C 107 13.16 8.25 -17.68
N ALA C 108 13.63 8.73 -16.53
CA ALA C 108 14.33 7.88 -15.58
C ALA C 108 13.37 6.82 -15.02
N LEU C 109 12.17 7.25 -14.64
CA LEU C 109 11.16 6.34 -14.14
C LEU C 109 10.75 5.33 -15.20
N GLU C 110 10.68 5.81 -16.45
CA GLU C 110 10.32 4.97 -17.58
C GLU C 110 11.28 3.80 -17.72
N ALA C 111 12.57 4.08 -17.60
CA ALA C 111 13.61 3.06 -17.79
C ALA C 111 13.73 2.12 -16.59
N ALA C 112 13.12 2.50 -15.47
CA ALA C 112 13.17 1.67 -14.27
C ALA C 112 12.14 0.55 -14.32
N ASP C 113 11.14 0.70 -15.19
CA ASP C 113 10.10 -0.32 -15.35
C ASP C 113 9.54 -0.76 -13.99
N ASP C 114 9.16 0.21 -13.17
CA ASP C 114 8.66 -0.07 -11.83
C ASP C 114 7.24 0.45 -11.68
N SER C 115 6.35 -0.41 -11.20
CA SER C 115 4.96 -0.03 -11.01
C SER C 115 4.80 0.99 -9.88
N ASP C 116 5.79 1.05 -9.01
CA ASP C 116 5.75 1.97 -7.87
C ASP C 116 6.23 3.36 -8.25
N ARG C 117 5.29 4.30 -8.35
CA ARG C 117 5.60 5.68 -8.70
C ARG C 117 5.72 6.54 -7.45
N SER C 118 5.80 5.89 -6.29
CA SER C 118 5.86 6.60 -5.02
C SER C 118 6.98 7.64 -4.97
N ALA C 119 6.68 8.79 -4.38
CA ALA C 119 7.64 9.87 -4.27
C ALA C 119 7.25 10.78 -3.12
N SER C 120 8.19 11.60 -2.66
CA SER C 120 7.88 12.57 -1.62
C SER C 120 8.73 13.83 -1.76
N PHE C 121 8.13 14.96 -1.43
CA PHE C 121 8.85 16.22 -1.35
C PHE C 121 9.39 16.35 0.07
N HIS C 122 10.57 16.95 0.21
CA HIS C 122 11.15 17.20 1.54
C HIS C 122 11.60 18.64 1.69
N CYS C 123 11.27 19.24 2.82
CA CYS C 123 11.83 20.54 3.19
C CYS C 123 12.44 20.46 4.58
N VAL C 124 13.74 20.67 4.67
CA VAL C 124 14.43 20.66 5.95
C VAL C 124 14.93 22.05 6.30
N ILE C 125 14.47 22.57 7.44
CA ILE C 125 14.90 23.88 7.91
C ILE C 125 15.86 23.74 9.08
N ALA C 126 16.93 24.52 9.07
CA ALA C 126 17.87 24.55 10.17
C ALA C 126 18.03 25.98 10.69
N LEU C 127 17.96 26.13 12.00
CA LEU C 127 18.14 27.44 12.63
C LEU C 127 19.37 27.39 13.54
N MSE C 128 20.40 28.16 13.19
N MSE C 128 20.42 28.13 13.16
CA MSE C 128 21.64 28.15 13.95
CA MSE C 128 21.67 28.15 13.92
C MSE C 128 21.80 29.41 14.77
C MSE C 128 21.74 29.40 14.78
O MSE C 128 21.70 30.52 14.25
O MSE C 128 21.55 30.52 14.28
CB MSE C 128 22.83 27.99 13.00
CB MSE C 128 22.87 28.13 12.98
CG MSE C 128 22.64 26.90 11.98
CG MSE C 128 23.07 26.83 12.21
SE MSE C 128 24.21 25.80 11.74
SE MSE C 128 23.86 25.41 13.27
CE MSE C 128 24.37 25.13 13.55
CE MSE C 128 25.69 26.09 13.38
N GLU C 129 22.03 29.23 16.07
CA GLU C 129 22.16 30.37 16.98
C GLU C 129 23.41 31.17 16.65
N ASN C 130 24.49 30.47 16.31
CA ASN C 130 25.70 31.07 15.77
C ASN C 130 26.51 30.01 15.02
N GLU C 131 27.67 30.38 14.49
CA GLU C 131 28.45 29.44 13.67
C GLU C 131 28.80 28.16 14.41
N ASN C 132 28.90 28.26 15.74
CA ASN C 132 29.37 27.13 16.56
C ASN C 132 28.27 26.31 17.23
N ASP C 133 27.01 26.68 16.98
CA ASP C 133 25.89 25.92 17.54
C ASP C 133 25.99 24.45 17.16
N PRO C 134 26.11 23.56 18.15
CA PRO C 134 26.16 22.13 17.84
C PRO C 134 24.77 21.51 17.74
N ALA C 135 23.75 22.27 18.16
CA ALA C 135 22.40 21.74 18.22
C ALA C 135 21.37 22.67 17.59
N PRO C 136 21.45 22.86 16.27
CA PRO C 136 20.48 23.76 15.63
C PRO C 136 19.08 23.17 15.70
N LEU C 137 18.07 24.03 15.64
CA LEU C 137 16.71 23.56 15.49
C LEU C 137 16.54 22.98 14.10
N ILE C 138 16.06 21.74 14.03
CA ILE C 138 15.77 21.10 12.75
C ILE C 138 14.28 20.89 12.60
N CYS C 139 13.70 21.45 11.54
CA CYS C 139 12.31 21.19 11.17
C CYS C 139 12.28 20.50 9.83
N HIS C 140 11.58 19.37 9.76
CA HIS C 140 11.60 18.56 8.55
C HIS C 140 10.20 18.25 8.09
N GLY C 141 9.78 18.88 7.00
CA GLY C 141 8.47 18.64 6.43
C GLY C 141 8.51 17.61 5.31
N VAL C 142 7.55 16.70 5.32
CA VAL C 142 7.45 15.66 4.31
C VAL C 142 6.07 15.67 3.65
N TRP C 143 6.06 15.62 2.32
CA TRP C 143 4.82 15.60 1.53
C TRP C 143 4.81 14.34 0.68
N GLU C 144 3.89 13.43 0.95
CA GLU C 144 3.86 12.15 0.24
C GLU C 144 2.91 12.14 -0.96
N GLY C 145 3.40 11.65 -2.09
CA GLY C 145 2.60 11.58 -3.29
C GLY C 145 3.13 10.55 -4.28
N GLU C 146 2.97 10.84 -5.56
CA GLU C 146 3.48 9.96 -6.61
C GLU C 146 4.01 10.81 -7.75
N ILE C 147 4.71 10.17 -8.68
CA ILE C 147 5.12 10.86 -9.89
C ILE C 147 4.07 10.62 -10.96
N ALA C 148 3.53 11.70 -11.50
CA ALA C 148 2.51 11.63 -12.53
C ALA C 148 3.07 11.04 -13.83
N ARG C 149 2.19 10.60 -14.72
CA ARG C 149 2.64 10.07 -15.99
C ARG C 149 2.74 11.19 -17.04
N GLU C 150 1.98 12.25 -16.85
CA GLU C 150 2.15 13.45 -17.66
C GLU C 150 1.95 14.72 -16.86
N PRO C 151 2.77 15.74 -17.15
CA PRO C 151 2.73 17.05 -16.49
C PRO C 151 1.36 17.72 -16.61
N ARG C 152 0.83 18.22 -15.51
CA ARG C 152 -0.42 18.98 -15.53
C ARG C 152 -0.34 20.10 -14.51
N GLY C 153 -1.07 21.19 -14.76
CA GLY C 153 -1.16 22.28 -13.79
C GLY C 153 -0.46 23.55 -14.23
N LYS C 154 -1.08 24.69 -13.89
CA LYS C 154 -0.58 25.99 -14.29
C LYS C 154 0.17 26.70 -13.17
N ASN C 155 0.03 26.21 -11.95
CA ASN C 155 0.64 26.87 -10.79
C ASN C 155 1.95 26.24 -10.33
N GLY C 156 2.51 26.78 -9.25
CA GLY C 156 3.72 26.23 -8.66
C GLY C 156 4.95 26.49 -9.50
N PHE C 157 5.92 25.57 -9.41
CA PHE C 157 7.21 25.71 -10.06
C PHE C 157 7.97 24.40 -9.89
N GLY C 158 9.11 24.27 -10.57
CA GLY C 158 9.93 23.08 -10.42
C GLY C 158 9.22 21.81 -10.83
N TYR C 159 9.29 20.79 -9.98
CA TYR C 159 8.70 19.50 -10.30
C TYR C 159 7.19 19.44 -10.05
N ASP C 160 6.61 20.57 -9.63
CA ASP C 160 5.18 20.59 -9.28
C ASP C 160 4.23 19.93 -10.29
N PRO C 161 4.44 20.18 -11.60
CA PRO C 161 3.55 19.65 -12.63
C PRO C 161 3.48 18.12 -12.70
N ILE C 162 4.46 17.42 -12.12
CA ILE C 162 4.45 15.97 -12.12
C ILE C 162 4.37 15.37 -10.72
N PHE C 163 4.20 16.20 -9.70
CA PHE C 163 4.01 15.66 -8.36
C PHE C 163 2.53 15.43 -8.10
N TYR C 164 2.09 14.19 -8.27
CA TYR C 164 0.69 13.83 -8.04
C TYR C 164 0.40 13.69 -6.56
N VAL C 165 -0.70 14.30 -6.13
CA VAL C 165 -1.12 14.29 -4.74
C VAL C 165 -2.40 13.49 -4.61
N PRO C 166 -2.29 12.22 -4.18
CA PRO C 166 -3.41 11.28 -4.14
C PRO C 166 -4.60 11.83 -3.37
N SER C 167 -4.34 12.58 -2.31
CA SER C 167 -5.41 13.11 -1.47
C SER C 167 -6.28 14.11 -2.25
N HIS C 168 -5.72 14.69 -3.30
CA HIS C 168 -6.44 15.70 -4.07
C HIS C 168 -6.72 15.28 -5.51
N GLN C 169 -6.26 14.08 -5.88
CA GLN C 169 -6.42 13.58 -7.24
C GLN C 169 -5.96 14.61 -8.27
N ARG C 170 -4.94 15.38 -7.89
CA ARG C 170 -4.38 16.41 -8.75
C ARG C 170 -2.88 16.51 -8.48
N THR C 171 -2.15 17.12 -9.41
CA THR C 171 -0.74 17.39 -9.21
C THR C 171 -0.57 18.67 -8.39
N ALA C 172 0.63 18.87 -7.85
CA ALA C 172 0.92 20.07 -7.06
C ALA C 172 0.64 21.34 -7.85
N ALA C 173 0.92 21.30 -9.15
CA ALA C 173 0.73 22.47 -10.02
C ALA C 173 -0.74 22.74 -10.33
N GLU C 174 -1.59 21.73 -10.15
CA GLU C 174 -3.02 21.89 -10.40
C GLU C 174 -3.76 22.49 -9.22
N LEU C 175 -3.19 22.37 -8.04
CA LEU C 175 -3.79 22.93 -6.84
C LEU C 175 -3.75 24.45 -6.86
N ASP C 176 -4.76 25.08 -6.27
CA ASP C 176 -4.68 26.52 -6.01
C ASP C 176 -3.48 26.76 -5.12
N PRO C 177 -2.77 27.88 -5.34
CA PRO C 177 -1.57 28.19 -4.55
C PRO C 177 -1.82 28.08 -3.06
N GLN C 178 -3.01 28.48 -2.62
CA GLN C 178 -3.32 28.48 -1.19
C GLN C 178 -3.47 27.07 -0.63
N GLU C 179 -3.98 26.14 -1.42
CA GLU C 179 -4.11 24.77 -0.95
C GLU C 179 -2.79 24.00 -1.00
N LYS C 180 -1.91 24.37 -1.92
CA LYS C 180 -0.56 23.79 -1.94
C LYS C 180 0.24 24.22 -0.72
N ASN C 181 0.23 25.52 -0.45
CA ASN C 181 0.98 26.08 0.67
C ASN C 181 0.56 25.51 2.02
N ALA C 182 -0.69 25.09 2.12
CA ALA C 182 -1.24 24.61 3.38
C ALA C 182 -0.90 23.14 3.66
N ILE C 183 -0.46 22.42 2.63
CA ILE C 183 -0.21 20.99 2.79
C ILE C 183 1.18 20.54 2.36
N SER C 184 1.91 21.43 1.69
CA SER C 184 3.20 21.05 1.12
C SER C 184 4.23 20.74 2.19
N HIS C 185 5.37 20.21 1.75
CA HIS C 185 6.52 20.01 2.61
C HIS C 185 6.97 21.33 3.23
N ARG C 186 7.00 22.38 2.42
CA ARG C 186 7.37 23.71 2.91
C ARG C 186 6.39 24.20 3.98
N GLY C 187 5.10 24.09 3.69
CA GLY C 187 4.08 24.52 4.64
C GLY C 187 4.22 23.80 5.97
N GLN C 188 4.49 22.50 5.92
CA GLN C 188 4.59 21.69 7.13
C GLN C 188 5.82 22.06 7.95
N ALA C 189 6.96 22.23 7.28
CA ALA C 189 8.18 22.63 7.95
C ALA C 189 8.00 23.98 8.61
N LEU C 190 7.34 24.89 7.91
CA LEU C 190 7.11 26.25 8.41
C LEU C 190 6.22 26.28 9.65
N GLU C 191 5.20 25.42 9.67
CA GLU C 191 4.32 25.33 10.83
C GLU C 191 5.08 24.80 12.04
N GLN C 192 5.94 23.82 11.82
CA GLN C 192 6.78 23.29 12.89
C GLN C 192 7.66 24.40 13.45
N LEU C 193 8.24 25.18 12.56
CA LEU C 193 9.10 26.30 12.95
C LEU C 193 8.31 27.34 13.74
N SER C 194 7.12 27.68 13.25
CA SER C 194 6.27 28.67 13.92
C SER C 194 5.89 28.21 15.33
N THR C 195 5.57 26.93 15.47
CA THR C 195 5.23 26.38 16.78
C THR C 195 6.36 26.60 17.76
N VAL C 196 7.57 26.21 17.36
CA VAL C 196 8.76 26.39 18.19
C VAL C 196 9.00 27.87 18.52
N LEU C 197 8.93 28.73 17.50
CA LEU C 197 9.21 30.15 17.70
C LEU C 197 8.12 30.86 18.48
N THR C 198 6.86 30.44 18.29
CA THR C 198 5.74 31.03 19.03
C THR C 198 5.80 30.61 20.49
N GLU C 199 6.27 29.39 20.73
CA GLU C 199 6.40 28.88 22.09
C GLU C 199 7.46 29.67 22.87
N ALA C 200 8.57 29.95 22.21
CA ALA C 200 9.64 30.72 22.82
C ALA C 200 9.23 32.18 23.02
N MSE D 4 11.80 -10.43 9.13
CA MSE D 4 11.75 -9.32 10.08
C MSE D 4 12.64 -8.18 9.61
O MSE D 4 13.63 -8.39 8.91
CB MSE D 4 12.17 -9.79 11.47
CG MSE D 4 11.98 -8.74 12.55
SE MSE D 4 12.51 -9.32 14.34
CE MSE D 4 11.31 -10.85 14.53
N LEU D 5 12.30 -6.96 10.02
CA LEU D 5 13.09 -5.78 9.66
C LEU D 5 14.40 -5.74 10.45
N GLU D 6 15.51 -5.59 9.74
CA GLU D 6 16.83 -5.51 10.35
C GLU D 6 17.43 -4.12 10.18
N ILE D 7 17.89 -3.55 11.28
CA ILE D 7 18.52 -2.24 11.25
C ILE D 7 19.88 -2.33 11.93
N VAL D 8 20.91 -1.80 11.28
CA VAL D 8 22.26 -1.83 11.83
C VAL D 8 22.47 -0.69 12.82
N LEU D 9 22.99 -1.03 14.01
CA LEU D 9 23.31 -0.03 15.02
C LEU D 9 24.80 0.28 14.98
N ALA D 10 25.14 1.51 14.59
CA ALA D 10 26.54 1.88 14.46
C ALA D 10 27.31 1.79 15.79
N SER D 11 26.60 1.97 16.91
CA SER D 11 27.24 2.02 18.23
C SER D 11 27.82 0.68 18.69
N GLN D 12 28.90 0.75 19.46
CA GLN D 12 29.46 -0.43 20.12
C GLN D 12 29.07 -0.43 21.59
N ASN D 13 28.24 0.55 21.97
CA ASN D 13 27.82 0.72 23.35
C ASN D 13 26.77 -0.32 23.74
N SER D 14 27.12 -1.20 24.67
CA SER D 14 26.24 -2.30 25.03
C SER D 14 24.93 -1.82 25.67
N SER D 15 25.01 -0.77 26.47
CA SER D 15 23.83 -0.26 27.15
C SER D 15 22.86 0.39 26.16
N LYS D 16 23.40 1.06 25.15
CA LYS D 16 22.57 1.67 24.10
C LYS D 16 21.79 0.62 23.33
N LEU D 17 22.46 -0.47 22.95
CA LEU D 17 21.80 -1.59 22.32
C LEU D 17 20.68 -2.12 23.23
N ALA D 18 21.00 -2.30 24.50
CA ALA D 18 20.03 -2.82 25.46
C ALA D 18 18.83 -1.90 25.61
N GLU D 19 19.08 -0.60 25.68
CA GLU D 19 18.00 0.38 25.78
C GLU D 19 17.08 0.26 24.58
N MSE D 20 17.68 0.08 23.41
CA MSE D 20 16.93 -0.01 22.16
C MSE D 20 16.05 -1.26 22.11
O MSE D 20 14.86 -1.19 21.79
CB MSE D 20 17.90 -0.03 20.98
CG MSE D 20 17.24 0.08 19.62
SE MSE D 20 16.59 1.90 19.30
CE MSE D 20 18.17 2.86 19.88
N GLN D 21 16.64 -2.40 22.44
CA GLN D 21 15.91 -3.66 22.47
C GLN D 21 14.71 -3.58 23.42
N GLU D 22 14.92 -2.99 24.59
CA GLU D 22 13.84 -2.82 25.56
C GLU D 22 12.75 -1.92 24.98
N LEU D 23 13.17 -0.82 24.38
CA LEU D 23 12.27 0.17 23.79
C LEU D 23 11.32 -0.45 22.78
N LEU D 24 11.87 -1.21 21.84
CA LEU D 24 11.09 -1.74 20.73
C LEU D 24 10.80 -3.24 20.86
N ARG D 25 10.69 -3.71 22.10
CA ARG D 25 10.49 -5.13 22.35
C ARG D 25 9.22 -5.70 21.72
N ASP D 26 8.23 -4.84 21.47
CA ASP D 26 6.94 -5.31 20.95
C ASP D 26 6.81 -5.17 19.43
N LEU D 27 7.84 -4.64 18.78
CA LEU D 27 7.81 -4.51 17.32
C LEU D 27 8.66 -5.59 16.67
N GLU D 28 8.43 -5.83 15.38
CA GLU D 28 9.23 -6.82 14.65
C GLU D 28 10.46 -6.18 14.04
N ILE D 29 11.37 -5.72 14.89
CA ILE D 29 12.62 -5.11 14.44
C ILE D 29 13.80 -5.73 15.18
N LYS D 30 14.84 -6.07 14.43
CA LYS D 30 16.06 -6.61 15.01
C LYS D 30 17.23 -5.70 14.73
N PHE D 31 17.85 -5.19 15.79
CA PHE D 31 19.03 -4.35 15.66
C PHE D 31 20.30 -5.19 15.66
N ILE D 32 21.21 -4.88 14.74
CA ILE D 32 22.47 -5.61 14.64
C ILE D 32 23.64 -4.66 14.71
N PRO D 33 24.49 -4.81 15.74
CA PRO D 33 25.66 -3.94 15.89
C PRO D 33 26.49 -4.01 14.61
N GLN D 34 27.03 -2.88 14.16
CA GLN D 34 27.84 -2.87 12.94
C GLN D 34 29.04 -3.81 13.07
N THR D 35 29.48 -4.02 14.31
CA THR D 35 30.60 -4.93 14.56
C THR D 35 30.32 -6.35 14.08
N GLU D 36 29.04 -6.69 13.94
CA GLU D 36 28.65 -8.00 13.41
C GLU D 36 28.89 -8.08 11.91
N PHE D 37 29.23 -6.95 11.31
CA PHE D 37 29.58 -6.89 9.89
C PHE D 37 31.04 -6.48 9.72
N SER D 38 31.77 -6.42 10.83
CA SER D 38 33.16 -5.99 10.84
C SER D 38 33.31 -4.58 10.28
N VAL D 39 32.36 -3.72 10.61
CA VAL D 39 32.43 -2.32 10.21
C VAL D 39 33.26 -1.55 11.22
N PRO D 40 34.32 -0.89 10.75
CA PRO D 40 35.17 -0.07 11.62
C PRO D 40 34.51 1.26 11.98
N ASP D 41 34.88 1.81 13.13
CA ASP D 41 34.39 3.14 13.52
C ASP D 41 34.83 4.17 12.49
N ILE D 42 33.99 5.17 12.26
CA ILE D 42 34.36 6.28 11.39
C ILE D 42 34.45 7.56 12.22
N GLU D 43 35.47 8.36 11.95
CA GLU D 43 35.73 9.57 12.72
C GLU D 43 34.57 10.57 12.65
N GLU D 44 34.24 11.17 13.78
CA GLU D 44 33.24 12.22 13.84
C GLU D 44 33.85 13.59 13.53
N THR D 45 33.58 14.10 12.34
CA THR D 45 34.19 15.34 11.88
C THR D 45 33.19 16.50 11.85
N GLY D 46 31.95 16.25 12.23
CA GLY D 46 30.92 17.27 12.17
C GLY D 46 30.97 18.23 13.34
N SER D 47 30.43 19.43 13.12
CA SER D 47 30.38 20.44 14.17
C SER D 47 29.02 20.45 14.87
N THR D 48 28.12 19.58 14.42
CA THR D 48 26.83 19.42 15.09
C THR D 48 26.59 17.95 15.39
N PHE D 49 25.81 17.68 16.44
CA PHE D 49 25.45 16.30 16.76
C PHE D 49 24.77 15.66 15.56
N VAL D 50 23.89 16.40 14.91
CA VAL D 50 23.16 15.89 13.75
C VAL D 50 24.11 15.41 12.66
N GLU D 51 25.11 16.24 12.35
CA GLU D 51 26.08 15.91 11.31
C GLU D 51 26.84 14.62 11.62
N ASN D 52 27.25 14.45 12.87
CA ASN D 52 27.97 13.27 13.29
C ASN D 52 27.11 12.02 13.26
N ALA D 53 25.86 12.15 13.69
CA ALA D 53 24.92 11.04 13.66
C ALA D 53 24.76 10.56 12.22
N ILE D 54 24.68 11.50 11.29
CA ILE D 54 24.54 11.14 9.87
C ILE D 54 25.80 10.50 9.31
N ILE D 55 26.95 11.05 9.67
CA ILE D 55 28.21 10.45 9.25
C ILE D 55 28.28 8.98 9.65
N LYS D 56 27.94 8.70 10.90
CA LYS D 56 28.04 7.35 11.43
C LYS D 56 27.00 6.38 10.82
N ALA D 57 25.76 6.84 10.67
CA ALA D 57 24.71 6.00 10.09
C ALA D 57 24.97 5.72 8.61
N ARG D 58 25.44 6.73 7.90
CA ARG D 58 25.73 6.61 6.47
C ARG D 58 26.83 5.57 6.24
N HIS D 59 27.85 5.62 7.08
CA HIS D 59 28.97 4.69 6.98
C HIS D 59 28.53 3.25 7.24
N ALA D 60 27.72 3.04 8.27
CA ALA D 60 27.25 1.70 8.60
C ALA D 60 26.34 1.15 7.50
N ALA D 61 25.48 2.02 6.96
CA ALA D 61 24.57 1.64 5.90
C ALA D 61 25.33 1.28 4.63
N LYS D 62 26.36 2.06 4.33
CA LYS D 62 27.15 1.87 3.12
C LYS D 62 27.86 0.52 3.15
N GLN D 63 28.41 0.16 4.29
CA GLN D 63 29.18 -1.08 4.42
C GLN D 63 28.30 -2.33 4.46
N THR D 64 27.16 -2.23 5.14
CA THR D 64 26.32 -3.39 5.39
C THR D 64 25.19 -3.60 4.38
N GLY D 65 24.79 -2.52 3.70
CA GLY D 65 23.68 -2.59 2.77
C GLY D 65 22.32 -2.63 3.46
N LEU D 66 22.32 -2.41 4.78
CA LEU D 66 21.08 -2.37 5.54
C LEU D 66 20.77 -0.93 5.95
N PRO D 67 19.51 -0.66 6.32
CA PRO D 67 19.25 0.61 7.00
C PRO D 67 20.14 0.67 8.24
N ALA D 68 20.52 1.88 8.67
CA ALA D 68 21.41 2.01 9.82
C ALA D 68 20.97 3.14 10.73
N LEU D 69 21.21 2.97 12.01
CA LEU D 69 20.83 3.97 13.01
C LEU D 69 22.06 4.37 13.83
N ALA D 70 22.24 5.67 14.00
CA ALA D 70 23.35 6.18 14.81
C ALA D 70 22.87 7.35 15.64
N ASP D 71 23.66 7.74 16.64
CA ASP D 71 23.35 8.91 17.45
C ASP D 71 24.62 9.66 17.82
N ASP D 72 24.47 10.95 18.07
CA ASP D 72 25.52 11.74 18.68
C ASP D 72 24.91 12.57 19.82
N SER D 73 25.67 12.74 20.89
CA SER D 73 25.15 13.40 22.08
C SER D 73 26.22 14.25 22.75
N GLY D 74 25.78 15.15 23.63
CA GLY D 74 26.72 16.00 24.32
C GLY D 74 26.05 17.00 25.22
N LEU D 75 26.89 17.73 25.95
CA LEU D 75 26.45 18.76 26.88
C LEU D 75 26.77 20.14 26.32
N THR D 76 25.79 21.03 26.30
CA THR D 76 26.03 22.39 25.87
C THR D 76 25.85 23.34 27.05
N ILE D 77 26.79 24.27 27.21
CA ILE D 77 26.76 25.18 28.36
C ILE D 77 26.73 26.63 27.89
N ALA D 78 25.63 27.32 28.19
CA ALA D 78 25.39 28.67 27.71
C ALA D 78 26.59 29.59 27.89
N ALA D 79 27.14 29.61 29.10
CA ALA D 79 28.24 30.52 29.44
C ALA D 79 29.53 30.17 28.70
N LEU D 80 29.58 28.98 28.10
CA LEU D 80 30.77 28.57 27.37
C LEU D 80 30.47 28.49 25.88
N ASN D 81 29.52 29.31 25.43
CA ASN D 81 29.09 29.31 24.03
C ASN D 81 28.80 27.90 23.53
N SER D 82 28.04 27.15 24.33
CA SER D 82 27.60 25.80 23.97
C SER D 82 28.68 24.72 24.08
N ALA D 83 29.89 25.12 24.45
CA ALA D 83 30.92 24.12 24.73
C ALA D 83 30.49 23.31 25.95
N PRO D 84 30.97 22.06 26.07
CA PRO D 84 31.89 21.36 25.17
C PRO D 84 31.27 20.89 23.84
N GLY D 85 29.95 20.73 23.80
CA GLY D 85 29.26 20.41 22.55
C GLY D 85 29.72 19.09 21.94
N VAL D 86 30.07 19.12 20.66
CA VAL D 86 30.53 17.93 19.96
C VAL D 86 31.90 17.49 20.46
N PHE D 87 32.48 18.30 21.35
CA PHE D 87 33.75 17.94 21.97
C PHE D 87 33.52 17.40 23.37
N SER D 88 32.27 17.07 23.69
CA SER D 88 31.94 16.59 25.04
C SER D 88 32.85 15.47 25.52
N SER D 89 33.20 14.55 24.63
CA SER D 89 34.00 13.38 25.00
C SER D 89 35.51 13.68 24.95
N ARG D 90 35.89 14.70 24.21
CA ARG D 90 37.29 15.04 24.02
C ARG D 90 37.66 16.29 24.82
N TYR D 91 36.69 16.80 25.57
CA TYR D 91 36.83 18.08 26.26
C TYR D 91 38.13 18.21 27.04
N ALA D 92 38.54 17.17 27.75
CA ALA D 92 39.72 17.24 28.61
C ALA D 92 40.90 16.43 28.08
N GLY D 93 40.84 16.03 26.81
CA GLY D 93 41.91 15.28 26.20
C GLY D 93 41.55 13.83 25.94
N LYS D 94 42.23 13.22 24.97
CA LYS D 94 41.93 11.85 24.58
C LYS D 94 41.98 10.85 25.74
N ASN D 95 42.89 11.06 26.68
CA ASN D 95 43.10 10.13 27.78
C ASN D 95 42.43 10.57 29.08
N ALA D 96 41.53 11.55 28.98
CA ALA D 96 40.90 12.11 30.16
C ALA D 96 39.79 11.22 30.72
N THR D 97 39.58 11.31 32.03
CA THR D 97 38.53 10.55 32.69
C THR D 97 37.29 11.42 32.82
N ASP D 98 36.17 10.80 33.21
CA ASP D 98 34.95 11.55 33.50
C ASP D 98 35.22 12.60 34.58
N ALA D 99 35.98 12.22 35.60
CA ALA D 99 36.31 13.14 36.68
C ALA D 99 37.11 14.34 36.17
N GLU D 100 38.04 14.09 35.26
CA GLU D 100 38.83 15.14 34.64
C GLU D 100 37.95 16.10 33.83
N ARG D 101 37.03 15.55 33.05
CA ARG D 101 36.14 16.36 32.23
C ARG D 101 35.24 17.25 33.10
N ILE D 102 34.75 16.68 34.20
CA ILE D 102 33.94 17.44 35.14
C ILE D 102 34.73 18.62 35.69
N GLN D 103 35.98 18.36 36.07
CA GLN D 103 36.80 19.41 36.65
C GLN D 103 37.11 20.52 35.65
N LYS D 104 37.35 20.13 34.39
CA LYS D 104 37.63 21.12 33.36
C LYS D 104 36.43 22.04 33.14
N VAL D 105 35.24 21.46 33.18
CA VAL D 105 34.00 22.24 33.04
C VAL D 105 33.82 23.22 34.20
N LEU D 106 34.04 22.73 35.42
CA LEU D 106 33.89 23.58 36.60
C LEU D 106 34.87 24.75 36.54
N GLU D 107 36.11 24.46 36.16
CA GLU D 107 37.14 25.48 36.07
C GLU D 107 36.80 26.50 34.98
N ALA D 108 36.23 26.03 33.87
CA ALA D 108 35.87 26.91 32.77
C ALA D 108 34.78 27.91 33.18
N LEU D 109 33.77 27.43 33.90
CA LEU D 109 32.68 28.29 34.36
C LEU D 109 33.17 29.32 35.37
N GLU D 110 34.16 28.94 36.17
CA GLU D 110 34.73 29.86 37.16
C GLU D 110 35.46 31.01 36.47
N ALA D 111 36.28 30.68 35.48
CA ALA D 111 37.01 31.69 34.72
C ALA D 111 36.05 32.57 33.93
N ALA D 112 34.95 31.96 33.47
CA ALA D 112 33.97 32.67 32.65
C ALA D 112 33.29 33.79 33.43
N ASP D 113 33.15 33.59 34.74
CA ASP D 113 32.41 34.49 35.61
C ASP D 113 31.13 34.95 34.93
N ASP D 114 30.16 34.04 34.85
CA ASP D 114 28.85 34.35 34.30
C ASP D 114 27.80 33.68 35.20
N SER D 115 26.98 34.50 35.84
CA SER D 115 25.99 34.00 36.78
C SER D 115 25.08 32.93 36.19
N ASP D 116 25.06 32.83 34.86
CA ASP D 116 24.18 31.87 34.19
C ASP D 116 24.86 30.51 34.04
N ARG D 117 24.41 29.55 34.82
CA ARG D 117 24.97 28.19 34.78
C ARG D 117 24.12 27.27 33.92
N SER D 118 23.26 27.84 33.08
CA SER D 118 22.37 27.05 32.26
C SER D 118 23.12 26.08 31.34
N ALA D 119 22.50 24.95 31.05
CA ALA D 119 23.10 23.94 30.18
C ALA D 119 22.01 22.98 29.72
N SER D 120 22.28 22.26 28.63
CA SER D 120 21.34 21.27 28.13
C SER D 120 22.11 20.04 27.66
N PHE D 121 21.53 18.85 27.89
CA PHE D 121 22.01 17.64 27.25
C PHE D 121 21.26 17.46 25.94
N HIS D 122 21.96 17.03 24.90
CA HIS D 122 21.35 16.77 23.60
C HIS D 122 21.64 15.35 23.14
N CYS D 123 20.63 14.72 22.53
CA CYS D 123 20.80 13.44 21.86
C CYS D 123 20.11 13.50 20.51
N VAL D 124 20.88 13.30 19.45
CA VAL D 124 20.34 13.33 18.10
C VAL D 124 20.48 11.96 17.45
N ILE D 125 19.36 11.39 17.03
CA ILE D 125 19.36 10.09 16.38
C ILE D 125 19.08 10.23 14.90
N ALA D 126 19.85 9.51 14.09
CA ALA D 126 19.65 9.51 12.65
C ALA D 126 19.40 8.09 12.16
N LEU D 127 18.33 7.92 11.40
CA LEU D 127 18.00 6.62 10.81
C LEU D 127 18.00 6.75 9.30
N MSE D 128 18.87 5.98 8.64
N MSE D 128 18.90 6.01 8.65
CA MSE D 128 18.97 6.06 7.19
CA MSE D 128 19.01 6.04 7.19
C MSE D 128 18.54 4.76 6.53
C MSE D 128 18.48 4.75 6.58
O MSE D 128 18.94 3.67 6.96
O MSE D 128 18.75 3.65 7.08
CB MSE D 128 20.40 6.40 6.78
CB MSE D 128 20.47 6.23 6.78
CG MSE D 128 21.04 7.39 7.72
CG MSE D 128 21.13 7.48 7.34
SE MSE D 128 22.56 8.28 6.91
SE MSE D 128 21.12 8.99 6.11
CE MSE D 128 21.63 9.18 5.47
CE MSE D 128 22.44 8.37 4.83
N GLU D 129 17.72 4.88 5.49
CA GLU D 129 17.23 3.70 4.78
C GLU D 129 18.40 3.01 4.08
N ASN D 130 19.30 3.83 3.56
CA ASN D 130 20.57 3.36 2.99
C ASN D 130 21.53 4.54 2.92
N GLU D 131 22.74 4.31 2.40
CA GLU D 131 23.75 5.36 2.44
C GLU D 131 23.46 6.54 1.51
N ASN D 132 22.52 6.37 0.60
CA ASN D 132 22.17 7.45 -0.33
C ASN D 132 20.91 8.22 0.10
N ASP D 133 20.31 7.81 1.21
CA ASP D 133 19.12 8.46 1.75
C ASP D 133 19.40 9.93 2.03
N PRO D 134 18.73 10.83 1.31
CA PRO D 134 18.94 12.27 1.52
C PRO D 134 18.06 12.84 2.62
N ALA D 135 17.13 12.02 3.12
CA ALA D 135 16.17 12.48 4.11
C ALA D 135 16.02 11.51 5.28
N PRO D 136 17.10 11.31 6.05
CA PRO D 136 17.03 10.41 7.20
C PRO D 136 16.03 10.92 8.24
N LEU D 137 15.40 9.99 8.96
CA LEU D 137 14.64 10.36 10.14
C LEU D 137 15.60 10.96 11.16
N ILE D 138 15.28 12.16 11.64
CA ILE D 138 16.07 12.80 12.68
C ILE D 138 15.22 12.97 13.94
N CYS D 139 15.68 12.39 15.05
CA CYS D 139 15.04 12.61 16.34
C CYS D 139 16.02 13.37 17.22
N HIS D 140 15.55 14.43 17.86
CA HIS D 140 16.41 15.27 18.67
C HIS D 140 15.80 15.48 20.04
N GLY D 141 16.45 14.91 21.06
CA GLY D 141 16.00 15.04 22.43
C GLY D 141 16.82 16.07 23.16
N VAL D 142 16.16 16.90 23.95
CA VAL D 142 16.83 17.99 24.66
C VAL D 142 16.42 17.97 26.12
N TRP D 143 17.42 18.02 27.00
CA TRP D 143 17.18 17.99 28.44
C TRP D 143 17.83 19.20 29.07
N GLU D 144 17.01 20.14 29.56
CA GLU D 144 17.53 21.39 30.11
C GLU D 144 17.84 21.32 31.60
N GLY D 145 18.93 21.96 32.01
CA GLY D 145 19.33 21.97 33.41
C GLY D 145 20.33 23.06 33.74
N GLU D 146 21.05 22.86 34.83
CA GLU D 146 22.06 23.81 35.30
C GLU D 146 23.32 23.07 35.72
N ILE D 147 24.47 23.72 35.64
CA ILE D 147 25.71 23.10 36.07
C ILE D 147 25.92 23.35 37.56
N ALA D 148 26.01 22.28 38.32
CA ALA D 148 26.23 22.37 39.77
C ALA D 148 27.60 22.99 40.06
N ARG D 149 27.84 23.32 41.32
CA ARG D 149 29.12 23.88 41.73
C ARG D 149 30.12 22.76 42.03
N GLU D 150 29.59 21.64 42.50
CA GLU D 150 30.41 20.46 42.76
C GLU D 150 29.63 19.20 42.41
N PRO D 151 30.33 18.09 42.16
CA PRO D 151 29.70 16.84 41.72
C PRO D 151 28.92 16.16 42.84
N ARG D 152 27.72 15.66 42.53
CA ARG D 152 26.92 14.92 43.49
C ARG D 152 26.16 13.78 42.80
N GLY D 153 26.04 12.65 43.48
CA GLY D 153 25.30 11.52 42.95
C GLY D 153 26.19 10.34 42.60
N LYS D 154 25.64 9.14 42.74
CA LYS D 154 26.44 7.92 42.58
C LYS D 154 26.14 7.19 41.27
N ASN D 155 25.08 7.58 40.59
CA ASN D 155 24.66 6.92 39.36
C ASN D 155 25.12 7.59 38.08
N GLY D 156 24.83 6.96 36.94
CA GLY D 156 25.12 7.54 35.64
C GLY D 156 26.59 7.54 35.30
N PHE D 157 26.97 8.44 34.40
CA PHE D 157 28.33 8.53 33.90
C PHE D 157 28.57 9.92 33.35
N GLY D 158 29.79 10.18 32.88
CA GLY D 158 30.11 11.45 32.26
C GLY D 158 29.82 12.63 33.16
N TYR D 159 29.11 13.62 32.61
CA TYR D 159 28.82 14.86 33.32
C TYR D 159 27.63 14.80 34.28
N ASP D 160 27.02 13.63 34.40
CA ASP D 160 25.82 13.49 35.24
C ASP D 160 25.95 14.11 36.65
N PRO D 161 27.10 13.93 37.31
CA PRO D 161 27.23 14.43 38.68
C PRO D 161 27.14 15.95 38.81
N ILE D 162 27.36 16.68 37.72
CA ILE D 162 27.25 18.14 37.78
C ILE D 162 26.08 18.69 36.96
N PHE D 163 25.24 17.81 36.44
CA PHE D 163 24.06 18.28 35.70
C PHE D 163 22.86 18.35 36.63
N TYR D 164 22.67 19.52 37.22
CA TYR D 164 21.55 19.73 38.15
C TYR D 164 20.25 19.84 37.38
N VAL D 165 19.23 19.16 37.87
CA VAL D 165 17.92 19.12 37.22
C VAL D 165 16.87 19.79 38.09
N PRO D 166 16.57 21.07 37.80
CA PRO D 166 15.66 21.86 38.64
C PRO D 166 14.31 21.20 38.91
N SER D 167 13.75 20.52 37.92
CA SER D 167 12.44 19.88 38.08
C SER D 167 12.46 18.86 39.21
N HIS D 168 13.63 18.28 39.47
CA HIS D 168 13.76 17.24 40.47
C HIS D 168 14.57 17.69 41.69
N GLN D 169 15.19 18.87 41.57
CA GLN D 169 16.08 19.40 42.61
C GLN D 169 17.17 18.40 42.98
N ARG D 170 17.67 17.70 41.97
CA ARG D 170 18.73 16.72 42.12
C ARG D 170 19.58 16.75 40.84
N THR D 171 20.79 16.19 40.90
CA THR D 171 21.60 16.06 39.70
C THR D 171 21.23 14.79 38.97
N ALA D 172 21.62 14.70 37.69
CA ALA D 172 21.36 13.50 36.92
C ALA D 172 21.89 12.26 37.62
N ALA D 173 23.01 12.40 38.31
CA ALA D 173 23.65 11.28 38.98
C ALA D 173 22.93 10.86 40.26
N GLU D 174 22.16 11.79 40.83
CA GLU D 174 21.39 11.50 42.04
C GLU D 174 20.06 10.81 41.74
N LEU D 175 19.59 10.95 40.50
CA LEU D 175 18.35 10.30 40.11
C LEU D 175 18.51 8.78 40.07
N ASP D 176 17.42 8.07 40.34
CA ASP D 176 17.39 6.64 40.07
C ASP D 176 17.54 6.48 38.56
N PRO D 177 18.25 5.43 38.13
CA PRO D 177 18.55 5.20 36.71
C PRO D 177 17.29 5.15 35.85
N GLN D 178 16.26 4.44 36.31
CA GLN D 178 15.01 4.36 35.56
C GLN D 178 14.39 5.73 35.36
N GLU D 179 14.49 6.59 36.38
CA GLU D 179 13.93 7.93 36.29
C GLU D 179 14.72 8.80 35.34
N LYS D 180 16.05 8.72 35.41
CA LYS D 180 16.89 9.48 34.50
C LYS D 180 16.66 9.06 33.04
N ASN D 181 16.72 7.76 32.79
CA ASN D 181 16.59 7.24 31.44
C ASN D 181 15.24 7.55 30.81
N ALA D 182 14.23 7.78 31.65
CA ALA D 182 12.91 8.12 31.15
C ALA D 182 12.84 9.57 30.65
N ILE D 183 13.48 10.48 31.37
CA ILE D 183 13.31 11.91 31.13
C ILE D 183 14.51 12.58 30.48
N SER D 184 15.60 11.83 30.31
CA SER D 184 16.83 12.42 29.78
C SER D 184 16.66 12.82 28.32
N HIS D 185 17.72 13.41 27.78
CA HIS D 185 17.79 13.72 26.35
C HIS D 185 17.65 12.44 25.52
N ARG D 186 18.23 11.35 26.01
CA ARG D 186 18.15 10.06 25.31
C ARG D 186 16.75 9.46 25.37
N GLY D 187 16.17 9.43 26.57
CA GLY D 187 14.82 8.92 26.73
C GLY D 187 13.86 9.64 25.78
N GLN D 188 14.03 10.95 25.66
CA GLN D 188 13.18 11.76 24.81
C GLN D 188 13.38 11.43 23.33
N ALA D 189 14.64 11.39 22.89
CA ALA D 189 14.95 11.04 21.51
C ALA D 189 14.41 9.65 21.17
N LEU D 190 14.61 8.70 22.08
CA LEU D 190 14.13 7.33 21.88
C LEU D 190 12.60 7.28 21.82
N GLU D 191 11.95 8.14 22.59
CA GLU D 191 10.49 8.25 22.55
C GLU D 191 10.01 8.68 21.17
N GLN D 192 10.67 9.67 20.60
CA GLN D 192 10.32 10.16 19.28
C GLN D 192 10.52 9.05 18.25
N LEU D 193 11.64 8.34 18.39
CA LEU D 193 11.96 7.23 17.50
C LEU D 193 10.90 6.12 17.55
N SER D 194 10.52 5.73 18.76
CA SER D 194 9.53 4.68 18.94
C SER D 194 8.18 5.05 18.35
N THR D 195 7.80 6.32 18.49
CA THR D 195 6.53 6.78 17.96
C THR D 195 6.47 6.57 16.44
N VAL D 196 7.56 6.93 15.76
CA VAL D 196 7.62 6.81 14.31
C VAL D 196 7.65 5.34 13.88
N LEU D 197 8.53 4.55 14.48
CA LEU D 197 8.65 3.15 14.12
C LEU D 197 7.37 2.36 14.43
N THR D 198 6.70 2.71 15.52
CA THR D 198 5.49 2.02 15.92
C THR D 198 4.35 2.30 14.95
N GLU D 199 4.24 3.55 14.51
CA GLU D 199 3.23 3.94 13.55
C GLU D 199 3.48 3.24 12.22
N ALA D 200 4.76 3.11 11.86
CA ALA D 200 5.13 2.48 10.60
C ALA D 200 4.76 1.01 10.58
CA CA E . -21.91 -29.84 -3.68
CA CA F . -27.84 -4.98 -14.12
C1 EDO G . -22.71 0.63 -14.64
O1 EDO G . -21.99 0.78 -13.41
C2 EDO G . -22.31 -0.68 -15.32
O2 EDO G . -20.96 -0.61 -15.78
CA CA H . 20.09 23.22 -2.50
CA CA I . 30.16 11.59 19.83
CA CA J . 12.11 8.11 4.43
#